data_5Y1U
#
_entry.id   5Y1U
#
_cell.length_a   76.761
_cell.length_b   59.452
_cell.length_c   102.438
_cell.angle_alpha   90.000
_cell.angle_beta   94.330
_cell.angle_gamma   90.000
#
_symmetry.space_group_name_H-M   'P 1 21 1'
#
loop_
_entity.id
_entity.type
_entity.pdbx_description
1 polymer 'Histone-binding protein RBBP4'
2 polymer 'Zinc finger protein AEBP2'
3 non-polymer 'SULFATE ION'
4 water water
#
loop_
_entity_poly.entity_id
_entity_poly.type
_entity_poly.pdbx_seq_one_letter_code
_entity_poly.pdbx_strand_id
1 'polypeptide(L)'
;MSYYHHHHHHDYDIPTTENLYFQGAMGSGIQMADKEAAFDDAVEERVINEEYKIWKKNTPFLYDLVMTHALEWPSLTAQW
LPDVTRPEGKDFSIHRLVLGTHTSDEQNHLVIASVQLPNDDAQFDASHYDSEKGEFGGFGSVSGKIEIEIKINHEGEVNR
ARYMPQNPCIIATKTPSSDVLVFDYTKHPSKPDPSGECNPDLRLRGHQKEGYGLSWNPNLSGHLLSASDDHTICLWDISA
VPKEGKVVDAKTIFTGHTAVVEDVSWHLLHESLFGSVADDQKLMIWDTRSNNTSKPSHSVDAHTAEVNCLSFNPYSEFIL
ATGSADKTVALWDLRNLKLKLHSFESHKDEIFQVQWSPHNETILASSGTDRRLNVWDLSKIGEEQSPEDAEDGPPELLFI
HGGHTAKISDFSWNPNEPWVICSVSEDNIMQVWQMAENIYNDEDPEGSVDPEGQGS
;
A,B
2 'polypeptide(L)' KRRKLKNKRRRS C,D
#
loop_
_chem_comp.id
_chem_comp.type
_chem_comp.name
_chem_comp.formula
SO4 non-polymer 'SULFATE ION' 'O4 S -2'
#
# COMPACT_ATOMS: atom_id res chain seq x y z
N ALA A 37 28.26 7.87 -20.09
CA ALA A 37 28.03 8.24 -21.48
C ALA A 37 26.57 7.95 -21.85
N ALA A 38 25.74 7.81 -20.83
CA ALA A 38 24.33 7.50 -21.02
C ALA A 38 23.40 8.67 -20.76
N PHE A 39 23.78 9.59 -19.87
CA PHE A 39 22.93 10.75 -19.57
C PHE A 39 23.08 11.87 -20.58
N ASP A 40 24.07 11.79 -21.49
CA ASP A 40 24.24 12.83 -22.50
C ASP A 40 23.01 12.91 -23.41
N ASP A 41 22.45 11.76 -23.80
CA ASP A 41 21.25 11.77 -24.63
C ASP A 41 20.03 12.27 -23.86
N ALA A 42 19.97 12.01 -22.56
CA ALA A 42 18.90 12.56 -21.74
C ALA A 42 19.03 14.07 -21.58
N VAL A 43 20.19 14.65 -21.88
CA VAL A 43 20.39 16.09 -21.82
C VAL A 43 19.91 16.76 -23.10
N GLU A 44 18.97 16.13 -23.80
CA GLU A 44 18.24 16.78 -24.90
C GLU A 44 16.77 16.33 -24.96
N GLU A 45 15.81 16.96 -24.24
CA GLU A 45 15.88 18.08 -23.27
C GLU A 45 16.18 19.46 -23.89
N ARG A 46 17.36 19.68 -24.46
CA ARG A 46 17.57 20.90 -25.24
C ARG A 46 16.58 20.95 -26.39
N VAL A 47 16.31 19.80 -27.00
CA VAL A 47 15.36 19.76 -28.10
C VAL A 47 13.95 20.06 -27.59
N ILE A 48 13.62 19.54 -26.41
CA ILE A 48 12.31 19.80 -25.80
C ILE A 48 12.13 21.29 -25.58
N ASN A 49 13.12 21.95 -24.98
CA ASN A 49 12.98 23.37 -24.66
C ASN A 49 12.85 24.22 -25.91
N GLU A 50 13.56 23.87 -26.97
CA GLU A 50 13.46 24.62 -28.21
C GLU A 50 12.09 24.48 -28.85
N GLU A 51 11.57 23.25 -28.92
CA GLU A 51 10.22 23.03 -29.44
C GLU A 51 9.17 23.72 -28.58
N TYR A 52 9.39 23.76 -27.26
CA TYR A 52 8.46 24.48 -26.38
C TYR A 52 8.43 25.97 -26.72
N LYS A 53 9.60 26.59 -26.90
CA LYS A 53 9.66 27.99 -27.33
C LYS A 53 8.81 28.20 -28.57
N ILE A 54 9.05 27.41 -29.61
CA ILE A 54 8.29 27.54 -30.85
C ILE A 54 6.80 27.38 -30.59
N TRP A 55 6.44 26.42 -29.73
CA TRP A 55 5.03 26.17 -29.48
C TRP A 55 4.36 27.36 -28.83
N LYS A 56 4.94 27.87 -27.74
CA LYS A 56 4.38 29.03 -27.05
C LYS A 56 4.24 30.22 -27.98
N LYS A 57 5.22 30.42 -28.87
CA LYS A 57 5.18 31.54 -29.81
C LYS A 57 3.99 31.45 -30.77
N ASN A 58 3.49 30.25 -31.03
CA ASN A 58 2.45 30.06 -32.03
C ASN A 58 1.07 29.82 -31.45
N THR A 59 0.93 29.76 -30.12
CA THR A 59 -0.35 29.46 -29.50
C THR A 59 -1.47 30.42 -29.92
N PRO A 60 -1.19 31.71 -30.17
CA PRO A 60 -2.27 32.57 -30.66
C PRO A 60 -2.92 32.05 -31.92
N PHE A 61 -2.17 31.38 -32.78
CA PHE A 61 -2.74 30.92 -34.04
C PHE A 61 -3.38 29.55 -33.94
N LEU A 62 -2.96 28.72 -32.99
CA LEU A 62 -3.37 27.33 -32.92
C LEU A 62 -4.44 27.06 -31.87
N TYR A 63 -4.70 28.01 -30.99
CA TYR A 63 -5.56 27.80 -29.84
C TYR A 63 -6.58 28.91 -29.72
N ASP A 64 -7.77 28.54 -29.26
CA ASP A 64 -8.70 29.52 -28.72
C ASP A 64 -8.57 29.67 -27.21
N LEU A 65 -8.03 28.68 -26.53
CA LEU A 65 -7.79 28.78 -25.09
C LEU A 65 -6.53 28.02 -24.73
N VAL A 66 -5.69 28.63 -23.89
CA VAL A 66 -4.52 27.98 -23.31
C VAL A 66 -4.39 28.47 -21.89
N MET A 67 -4.58 27.57 -20.93
CA MET A 67 -4.36 27.83 -19.51
C MET A 67 -3.33 26.82 -19.02
N THR A 68 -2.29 27.32 -18.37
CA THR A 68 -1.21 26.47 -17.89
C THR A 68 -1.09 26.66 -16.39
N HIS A 69 -0.90 25.57 -15.66
CA HIS A 69 -0.90 25.65 -14.21
C HIS A 69 0.05 24.60 -13.64
N ALA A 70 1.01 25.06 -12.85
CA ALA A 70 1.90 24.16 -12.14
C ALA A 70 1.21 23.78 -10.85
N LEU A 71 0.88 22.51 -10.73
CA LEU A 71 0.26 21.99 -9.53
C LEU A 71 1.32 21.82 -8.46
N GLU A 72 0.87 21.74 -7.20
CA GLU A 72 1.82 21.55 -6.11
C GLU A 72 2.59 20.24 -6.28
N TRP A 73 1.93 19.20 -6.78
CA TRP A 73 2.54 17.91 -7.07
C TRP A 73 2.02 17.45 -8.42
N PRO A 74 2.75 16.56 -9.09
CA PRO A 74 2.23 15.98 -10.34
C PRO A 74 0.97 15.18 -10.06
N SER A 75 0.02 15.25 -10.99
CA SER A 75 -1.15 14.39 -10.95
C SER A 75 -0.98 13.32 -12.00
N LEU A 76 -1.16 12.07 -11.58
CA LEU A 76 -1.17 10.96 -12.52
C LEU A 76 -2.52 10.82 -13.21
N THR A 77 -3.50 11.62 -12.83
CA THR A 77 -4.88 11.35 -13.22
C THR A 77 -5.60 12.66 -13.44
N ALA A 78 -6.58 12.64 -14.35
CA ALA A 78 -7.39 13.83 -14.60
C ALA A 78 -8.72 13.40 -15.20
N GLN A 79 -9.81 13.98 -14.68
CA GLN A 79 -11.15 13.71 -15.18
C GLN A 79 -12.06 14.86 -14.77
N TRP A 80 -12.64 15.54 -15.76
CA TRP A 80 -13.67 16.52 -15.50
C TRP A 80 -14.86 15.86 -14.81
N LEU A 81 -15.31 16.45 -13.71
CA LEU A 81 -16.63 16.12 -13.20
C LEU A 81 -17.69 16.60 -14.21
N PRO A 82 -18.88 15.97 -14.19
CA PRO A 82 -19.88 16.30 -15.22
C PRO A 82 -20.64 17.61 -14.99
N ASP A 83 -20.58 18.18 -13.79
CA ASP A 83 -21.36 19.36 -13.43
C ASP A 83 -20.66 20.65 -13.84
N VAL A 84 -21.46 21.70 -14.02
CA VAL A 84 -20.98 23.01 -14.45
C VAL A 84 -21.86 24.12 -13.86
N THR A 85 -21.27 25.01 -13.09
CA THR A 85 -21.97 26.19 -12.58
C THR A 85 -21.73 27.37 -13.51
N ARG A 86 -22.82 28.01 -13.95
CA ARG A 86 -22.76 29.22 -14.79
C ARG A 86 -23.35 30.39 -14.02
N PRO A 87 -22.52 31.14 -13.27
CA PRO A 87 -23.07 32.14 -12.35
C PRO A 87 -23.87 33.22 -13.05
N GLU A 88 -24.72 33.88 -12.24
CA GLU A 88 -25.67 34.86 -12.73
C GLU A 88 -24.97 35.96 -13.53
N GLY A 89 -25.27 36.00 -14.83
CA GLY A 89 -24.83 37.12 -15.66
C GLY A 89 -23.35 37.43 -15.59
N LYS A 90 -22.52 36.41 -15.45
CA LYS A 90 -21.08 36.57 -15.54
C LYS A 90 -20.58 35.89 -16.81
N ASP A 91 -19.40 36.31 -17.25
CA ASP A 91 -18.86 35.87 -18.54
C ASP A 91 -18.11 34.54 -18.46
N PHE A 92 -18.23 33.79 -17.37
CA PHE A 92 -17.53 32.53 -17.26
C PHE A 92 -18.41 31.50 -16.54
N SER A 93 -18.04 30.24 -16.70
CA SER A 93 -18.64 29.14 -15.99
C SER A 93 -17.57 28.41 -15.17
N ILE A 94 -18.02 27.72 -14.13
CA ILE A 94 -17.15 27.05 -13.19
C ILE A 94 -17.25 25.55 -13.43
N HIS A 95 -16.11 24.92 -13.68
CA HIS A 95 -15.98 23.50 -13.95
C HIS A 95 -15.07 22.88 -12.90
N ARG A 96 -15.14 21.56 -12.74
CA ARG A 96 -14.33 20.90 -11.73
C ARG A 96 -13.64 19.67 -12.30
N LEU A 97 -12.51 19.32 -11.69
CA LEU A 97 -11.66 18.20 -12.09
C LEU A 97 -11.39 17.29 -10.91
N VAL A 98 -11.38 15.99 -11.16
CA VAL A 98 -10.83 15.06 -10.20
C VAL A 98 -9.35 14.92 -10.52
N LEU A 99 -8.52 15.28 -9.55
CA LEU A 99 -7.07 15.17 -9.68
C LEU A 99 -6.53 14.36 -8.50
N GLY A 100 -5.24 14.11 -8.54
CA GLY A 100 -4.55 13.42 -7.46
C GLY A 100 -3.16 13.99 -7.30
N THR A 101 -2.44 13.46 -6.32
CA THR A 101 -1.05 13.82 -6.11
C THR A 101 -0.16 12.62 -6.37
N HIS A 102 1.10 12.91 -6.66
CA HIS A 102 2.13 11.90 -6.82
C HIS A 102 3.37 12.47 -6.14
N THR A 103 3.50 12.23 -4.84
CA THR A 103 4.68 12.62 -4.10
C THR A 103 5.22 11.42 -3.36
N SER A 104 6.53 11.41 -3.15
CA SER A 104 7.22 10.31 -2.49
C SER A 104 7.26 10.46 -0.97
N ASP A 105 6.50 11.41 -0.40
CA ASP A 105 6.33 11.50 1.04
C ASP A 105 5.00 10.83 1.43
N GLU A 106 4.53 11.07 2.65
CA GLU A 106 3.30 10.44 3.14
C GLU A 106 2.12 11.41 3.20
N GLN A 107 2.11 12.42 2.34
CA GLN A 107 1.04 13.39 2.34
C GLN A 107 0.40 13.49 0.96
N ASN A 108 -0.03 12.35 0.44
CA ASN A 108 -0.77 12.34 -0.82
C ASN A 108 -2.25 12.59 -0.60
N HIS A 109 -2.88 13.21 -1.60
CA HIS A 109 -4.28 13.58 -1.55
C HIS A 109 -4.98 13.23 -2.85
N LEU A 110 -6.26 12.88 -2.73
CA LEU A 110 -7.22 13.00 -3.81
C LEU A 110 -7.73 14.43 -3.81
N VAL A 111 -7.75 15.06 -4.98
CA VAL A 111 -7.96 16.51 -5.11
C VAL A 111 -9.17 16.75 -5.99
N ILE A 112 -9.96 17.76 -5.62
CA ILE A 112 -11.00 18.30 -6.48
C ILE A 112 -10.64 19.75 -6.76
N ALA A 113 -10.44 20.07 -8.04
CA ALA A 113 -10.06 21.42 -8.45
C ALA A 113 -11.17 22.06 -9.26
N SER A 114 -11.27 23.38 -9.16
CA SER A 114 -12.25 24.16 -9.90
C SER A 114 -11.54 25.01 -10.95
N VAL A 115 -12.22 25.20 -12.07
CA VAL A 115 -11.64 25.80 -13.26
C VAL A 115 -12.66 26.77 -13.82
N GLN A 116 -12.34 28.05 -13.82
CA GLN A 116 -13.16 29.04 -14.50
C GLN A 116 -12.86 28.99 -16.00
N LEU A 117 -13.90 28.75 -16.80
CA LEU A 117 -13.78 28.75 -18.25
C LEU A 117 -14.67 29.84 -18.84
N PRO A 118 -14.23 30.49 -19.91
CA PRO A 118 -15.11 31.48 -20.56
C PRO A 118 -16.24 30.83 -21.33
N ASN A 119 -17.37 31.52 -21.39
CA ASN A 119 -18.52 31.05 -22.16
C ASN A 119 -18.31 31.28 -23.65
N TYR A 129 -5.17 33.24 -22.97
CA TYR A 129 -3.79 32.76 -23.04
C TYR A 129 -3.02 33.10 -21.77
N GLY A 144 -9.64 33.63 -16.24
CA GLY A 144 -10.09 32.45 -15.51
C GLY A 144 -9.01 31.83 -14.66
N LYS A 145 -9.36 31.42 -13.44
CA LYS A 145 -8.40 30.89 -12.48
C LYS A 145 -8.69 29.43 -12.17
N ILE A 146 -7.76 28.84 -11.42
CA ILE A 146 -7.74 27.42 -11.10
C ILE A 146 -7.46 27.27 -9.61
N GLU A 147 -8.40 26.68 -8.87
CA GLU A 147 -8.34 26.63 -7.41
C GLU A 147 -8.56 25.21 -6.90
N ILE A 148 -7.78 24.81 -5.91
CA ILE A 148 -7.98 23.53 -5.23
C ILE A 148 -9.14 23.67 -4.26
N GLU A 149 -10.21 22.92 -4.48
CA GLU A 149 -11.36 23.03 -3.60
C GLU A 149 -11.33 22.04 -2.44
N ILE A 150 -10.89 20.80 -2.65
CA ILE A 150 -10.89 19.79 -1.62
C ILE A 150 -9.65 18.94 -1.76
N LYS A 151 -9.01 18.61 -0.63
CA LYS A 151 -7.98 17.60 -0.56
C LYS A 151 -8.37 16.55 0.48
N ILE A 152 -8.28 15.27 0.09
CA ILE A 152 -8.64 14.15 0.96
C ILE A 152 -7.42 13.25 1.09
N ASN A 153 -7.03 12.96 2.34
CA ASN A 153 -5.86 12.10 2.56
C ASN A 153 -6.01 10.82 1.78
N HIS A 154 -4.93 10.43 1.11
CA HIS A 154 -4.92 9.25 0.28
C HIS A 154 -3.68 8.43 0.61
N GLU A 155 -3.84 7.11 0.62
CA GLU A 155 -2.76 6.20 0.98
C GLU A 155 -1.91 5.91 -0.27
N GLY A 156 -0.73 6.51 -0.30
CA GLY A 156 0.11 6.44 -1.47
C GLY A 156 -0.35 7.41 -2.52
N GLU A 157 0.40 7.44 -3.63
CA GLU A 157 0.00 8.26 -4.77
C GLU A 157 -1.29 7.72 -5.40
N VAL A 158 -2.01 8.62 -6.06
CA VAL A 158 -3.29 8.31 -6.71
C VAL A 158 -2.96 7.87 -8.14
N ASN A 159 -2.99 6.56 -8.38
CA ASN A 159 -2.66 6.10 -9.73
C ASN A 159 -3.71 6.55 -10.73
N ARG A 160 -4.98 6.51 -10.33
CA ARG A 160 -6.08 6.88 -11.19
C ARG A 160 -7.28 7.16 -10.29
N ALA A 161 -8.06 8.16 -10.69
CA ALA A 161 -9.26 8.54 -9.94
C ALA A 161 -10.40 8.72 -10.93
N ARG A 162 -11.52 8.07 -10.66
CA ARG A 162 -12.64 8.11 -11.60
C ARG A 162 -13.94 8.27 -10.83
N TYR A 163 -14.79 9.19 -11.27
CA TYR A 163 -16.06 9.39 -10.61
C TYR A 163 -17.09 8.40 -11.16
N MET A 164 -18.03 8.05 -10.32
CA MET A 164 -19.08 7.12 -10.71
C MET A 164 -20.17 7.87 -11.46
N PRO A 165 -20.48 7.50 -12.71
CA PRO A 165 -21.48 8.25 -13.50
C PRO A 165 -22.82 8.44 -12.79
N GLN A 166 -23.32 7.41 -12.12
CA GLN A 166 -24.63 7.53 -11.49
C GLN A 166 -24.61 8.39 -10.22
N ASN A 167 -23.43 8.70 -9.67
CA ASN A 167 -23.33 9.62 -8.54
C ASN A 167 -21.92 10.17 -8.49
N PRO A 168 -21.67 11.33 -9.12
CA PRO A 168 -20.29 11.84 -9.25
C PRO A 168 -19.66 12.29 -7.94
N CYS A 169 -20.39 12.29 -6.82
CA CYS A 169 -19.75 12.45 -5.50
C CYS A 169 -18.91 11.25 -5.13
N ILE A 170 -19.14 10.10 -5.75
CA ILE A 170 -18.42 8.87 -5.42
C ILE A 170 -17.21 8.76 -6.35
N ILE A 171 -16.01 8.71 -5.77
CA ILE A 171 -14.76 8.59 -6.53
C ILE A 171 -14.07 7.28 -6.17
N ALA A 172 -13.68 6.52 -7.18
CA ALA A 172 -12.80 5.37 -6.98
C ALA A 172 -11.38 5.78 -7.32
N THR A 173 -10.41 5.31 -6.53
CA THR A 173 -8.99 5.54 -6.81
C THR A 173 -8.24 4.22 -6.78
N LYS A 174 -7.16 4.18 -7.57
CA LYS A 174 -6.20 3.08 -7.58
C LYS A 174 -4.97 3.50 -6.78
N THR A 175 -4.50 2.62 -5.90
CA THR A 175 -3.44 2.94 -4.96
C THR A 175 -2.24 2.03 -5.15
N PRO A 176 -1.06 2.42 -4.66
CA PRO A 176 0.12 1.55 -4.83
C PRO A 176 0.01 0.24 -4.05
N SER A 177 -0.59 0.25 -2.87
CA SER A 177 -1.12 -0.99 -2.32
C SER A 177 -2.18 -1.48 -3.29
N SER A 178 -2.36 -2.77 -3.39
CA SER A 178 -3.23 -3.17 -4.48
C SER A 178 -4.70 -2.70 -4.32
N ASP A 179 -5.09 -2.08 -3.19
CA ASP A 179 -6.51 -1.79 -2.97
C ASP A 179 -7.03 -0.69 -3.92
N VAL A 180 -8.31 -0.82 -4.27
CA VAL A 180 -9.09 0.28 -4.80
C VAL A 180 -9.87 0.89 -3.63
N LEU A 181 -9.80 2.21 -3.51
CA LEU A 181 -10.47 2.97 -2.47
C LEU A 181 -11.64 3.72 -3.08
N VAL A 182 -12.72 3.82 -2.32
CA VAL A 182 -13.88 4.58 -2.74
C VAL A 182 -14.05 5.72 -1.74
N PHE A 183 -14.18 6.93 -2.25
CA PHE A 183 -14.45 8.08 -1.43
C PHE A 183 -15.76 8.71 -1.88
N ASP A 184 -16.49 9.25 -0.91
CA ASP A 184 -17.58 10.20 -1.16
C ASP A 184 -17.03 11.55 -0.69
N TYR A 185 -16.68 12.43 -1.64
CA TYR A 185 -15.94 13.62 -1.23
C TYR A 185 -16.82 14.62 -0.47
N THR A 186 -18.14 14.45 -0.48
CA THR A 186 -19.03 15.26 0.36
C THR A 186 -18.96 14.83 1.82
N LYS A 187 -18.44 13.65 2.12
CA LYS A 187 -18.36 13.16 3.48
C LYS A 187 -17.03 13.47 4.15
N HIS A 188 -16.21 14.32 3.54
CA HIS A 188 -14.93 14.68 4.11
C HIS A 188 -14.82 16.20 4.20
N PRO A 189 -14.06 16.72 5.16
CA PRO A 189 -13.81 18.17 5.21
C PRO A 189 -13.00 18.64 4.02
N SER A 190 -13.14 19.93 3.71
CA SER A 190 -12.38 20.51 2.61
C SER A 190 -10.88 20.46 2.89
N LYS A 191 -10.45 20.55 4.27
CA LYS A 191 -9.03 20.45 4.59
C LYS A 191 -8.68 19.06 5.08
N PRO A 192 -7.54 18.52 4.64
CA PRO A 192 -7.19 17.14 4.95
C PRO A 192 -6.90 16.94 6.43
N ASP A 193 -7.02 15.70 6.84
CA ASP A 193 -6.85 15.28 8.22
C ASP A 193 -5.39 15.40 8.63
N PRO A 194 -5.04 16.30 9.55
CA PRO A 194 -3.63 16.50 9.91
C PRO A 194 -2.99 15.31 10.60
N SER A 195 -3.79 14.34 11.05
CA SER A 195 -3.21 13.10 11.56
C SER A 195 -2.49 12.32 10.49
N GLY A 196 -2.72 12.64 9.20
CA GLY A 196 -2.14 11.88 8.12
C GLY A 196 -2.85 10.58 7.82
N GLU A 197 -3.95 10.29 8.51
CA GLU A 197 -4.67 9.04 8.34
C GLU A 197 -5.60 9.08 7.13
N CYS A 198 -5.65 7.97 6.40
CA CYS A 198 -6.52 7.83 5.23
C CYS A 198 -7.78 7.08 5.65
N ASN A 199 -8.96 7.68 5.42
CA ASN A 199 -10.24 7.12 5.85
C ASN A 199 -11.18 6.94 4.67
N PRO A 200 -10.96 5.92 3.85
CA PRO A 200 -11.84 5.70 2.69
C PRO A 200 -13.22 5.26 3.14
N ASP A 201 -14.20 5.60 2.32
CA ASP A 201 -15.56 5.13 2.59
C ASP A 201 -15.74 3.66 2.23
N LEU A 202 -14.94 3.14 1.29
CA LEU A 202 -14.91 1.70 1.05
C LEU A 202 -13.50 1.29 0.67
N ARG A 203 -13.14 0.09 1.06
CA ARG A 203 -11.85 -0.47 0.71
C ARG A 203 -12.10 -1.75 -0.08
N LEU A 204 -11.74 -1.74 -1.36
CA LEU A 204 -12.06 -2.82 -2.29
C LEU A 204 -10.86 -3.74 -2.46
N ARG A 205 -11.00 -4.98 -2.01
CA ARG A 205 -9.92 -5.93 -1.89
C ARG A 205 -9.98 -6.92 -3.05
N GLY A 206 -8.83 -7.48 -3.43
CA GLY A 206 -8.84 -8.48 -4.49
C GLY A 206 -7.59 -8.59 -5.35
N HIS A 207 -6.81 -7.52 -5.42
CA HIS A 207 -5.60 -7.50 -6.22
C HIS A 207 -4.39 -7.80 -5.33
N GLN A 208 -3.31 -8.28 -5.95
CA GLN A 208 -2.03 -8.42 -5.25
C GLN A 208 -1.02 -7.34 -5.64
N LYS A 209 -1.28 -6.61 -6.72
CA LYS A 209 -0.36 -5.58 -7.18
C LYS A 209 -1.17 -4.37 -7.61
N GLU A 210 -0.51 -3.21 -7.63
CA GLU A 210 -1.14 -1.99 -8.11
C GLU A 210 -1.48 -2.10 -9.59
N GLY A 211 -2.25 -1.14 -10.06
CA GLY A 211 -2.59 -1.02 -11.46
C GLY A 211 -3.10 0.37 -11.75
N TYR A 212 -3.67 0.52 -12.94
CA TYR A 212 -4.16 1.81 -13.38
C TYR A 212 -5.59 1.70 -13.92
N GLY A 213 -5.91 0.62 -14.61
CA GLY A 213 -7.22 0.51 -15.20
C GLY A 213 -8.37 0.54 -14.20
N LEU A 214 -9.34 1.41 -14.44
CA LEU A 214 -10.46 1.62 -13.52
C LEU A 214 -11.69 2.01 -14.34
N SER A 215 -12.82 1.32 -14.14
CA SER A 215 -14.01 1.61 -14.95
C SER A 215 -15.32 1.32 -14.22
N TRP A 216 -16.16 2.35 -14.10
CA TRP A 216 -17.52 2.21 -13.58
C TRP A 216 -18.49 1.85 -14.70
N ASN A 217 -19.35 0.89 -14.44
CA ASN A 217 -20.39 0.50 -15.40
C ASN A 217 -21.41 1.62 -15.51
N PRO A 218 -21.60 2.26 -16.67
CA PRO A 218 -22.59 3.34 -16.76
C PRO A 218 -24.03 2.83 -16.78
N ASN A 219 -24.27 1.53 -16.89
CA ASN A 219 -25.62 0.98 -16.90
C ASN A 219 -25.96 0.15 -15.69
N LEU A 220 -24.99 -0.22 -14.86
CA LEU A 220 -25.24 -0.96 -13.63
C LEU A 220 -24.52 -0.19 -12.52
N SER A 221 -25.31 0.53 -11.73
CA SER A 221 -24.79 1.35 -10.66
C SER A 221 -23.87 0.55 -9.73
N GLY A 222 -22.65 1.07 -9.52
CA GLY A 222 -21.76 0.50 -8.54
C GLY A 222 -21.01 -0.74 -8.98
N HIS A 223 -21.11 -1.14 -10.23
CA HIS A 223 -20.30 -2.26 -10.74
C HIS A 223 -18.99 -1.68 -11.27
N LEU A 224 -17.90 -2.00 -10.58
CA LEU A 224 -16.60 -1.38 -10.81
C LEU A 224 -15.57 -2.43 -11.21
N LEU A 225 -14.85 -2.13 -12.30
CA LEU A 225 -13.77 -2.96 -12.81
C LEU A 225 -12.42 -2.28 -12.56
N SER A 226 -11.41 -3.12 -12.32
CA SER A 226 -10.06 -2.61 -12.10
C SER A 226 -9.07 -3.58 -12.72
N ALA A 227 -8.03 -3.04 -13.35
CA ALA A 227 -6.99 -3.81 -13.99
C ALA A 227 -5.69 -3.65 -13.21
N SER A 228 -4.92 -4.73 -13.10
CA SER A 228 -3.78 -4.72 -12.20
C SER A 228 -2.53 -5.32 -12.87
N ASP A 229 -1.36 -4.92 -12.34
CA ASP A 229 -0.11 -5.57 -12.69
C ASP A 229 -0.06 -7.05 -12.29
N ASP A 230 -1.02 -7.54 -11.50
CA ASP A 230 -1.02 -8.95 -11.11
C ASP A 230 -1.65 -9.86 -12.16
N HIS A 231 -1.91 -9.33 -13.36
CA HIS A 231 -2.48 -10.03 -14.51
C HIS A 231 -3.99 -10.22 -14.40
N THR A 232 -4.66 -9.66 -13.40
CA THR A 232 -6.08 -9.93 -13.26
C THR A 232 -6.91 -8.66 -13.36
N ILE A 233 -8.20 -8.89 -13.58
CA ILE A 233 -9.23 -7.85 -13.58
C ILE A 233 -10.20 -8.17 -12.46
N CYS A 234 -10.43 -7.20 -11.57
CA CYS A 234 -11.37 -7.40 -10.47
C CYS A 234 -12.64 -6.61 -10.73
N LEU A 235 -13.76 -7.25 -10.42
CA LEU A 235 -15.08 -6.68 -10.48
C LEU A 235 -15.68 -6.63 -9.08
N TRP A 236 -16.03 -5.43 -8.62
CA TRP A 236 -16.78 -5.26 -7.39
C TRP A 236 -18.18 -4.74 -7.70
N ASP A 237 -19.13 -5.07 -6.84
CA ASP A 237 -20.49 -4.56 -6.90
C ASP A 237 -20.78 -3.95 -5.53
N ILE A 238 -20.66 -2.63 -5.42
CA ILE A 238 -20.86 -1.93 -4.16
C ILE A 238 -22.26 -1.35 -4.06
N SER A 239 -23.15 -1.70 -4.99
CA SER A 239 -24.47 -1.10 -5.05
C SER A 239 -25.24 -1.28 -3.74
N ALA A 240 -25.13 -2.46 -3.13
CA ALA A 240 -25.89 -2.79 -1.93
C ALA A 240 -25.11 -2.61 -0.65
N VAL A 241 -23.90 -2.06 -0.72
CA VAL A 241 -23.02 -1.94 0.44
C VAL A 241 -23.09 -0.51 0.96
N PRO A 242 -23.37 -0.31 2.25
CA PRO A 242 -23.31 1.05 2.83
C PRO A 242 -21.87 1.54 2.90
N LYS A 243 -21.64 2.76 2.39
CA LYS A 243 -20.30 3.32 2.27
C LYS A 243 -19.86 3.89 3.62
N GLU A 244 -19.45 2.98 4.50
CA GLU A 244 -19.08 3.33 5.87
C GLU A 244 -17.71 2.76 6.27
N GLY A 245 -16.81 2.57 5.30
CA GLY A 245 -15.46 2.10 5.57
C GLY A 245 -15.23 0.61 5.48
N LYS A 246 -16.26 -0.17 5.17
CA LYS A 246 -16.13 -1.62 5.09
C LYS A 246 -15.08 -2.03 4.05
N VAL A 247 -14.57 -3.23 4.20
CA VAL A 247 -13.75 -3.88 3.19
C VAL A 247 -14.67 -4.74 2.34
N VAL A 248 -14.54 -4.64 1.01
CA VAL A 248 -15.38 -5.43 0.11
C VAL A 248 -14.49 -6.30 -0.76
N ASP A 249 -14.77 -7.59 -0.78
CA ASP A 249 -14.03 -8.51 -1.63
C ASP A 249 -14.61 -8.52 -3.04
N ALA A 250 -13.73 -8.83 -4.01
CA ALA A 250 -14.13 -8.83 -5.41
C ALA A 250 -15.19 -9.89 -5.66
N LYS A 251 -16.23 -9.50 -6.39
CA LYS A 251 -17.29 -10.44 -6.75
C LYS A 251 -16.78 -11.47 -7.76
N THR A 252 -15.96 -11.03 -8.71
CA THR A 252 -15.46 -11.84 -9.82
C THR A 252 -14.04 -11.37 -10.14
N ILE A 253 -13.18 -12.30 -10.50
CA ILE A 253 -11.82 -12.00 -10.92
C ILE A 253 -11.61 -12.69 -12.26
N PHE A 254 -11.28 -11.89 -13.28
CA PHE A 254 -11.08 -12.38 -14.64
C PHE A 254 -9.59 -12.59 -14.88
N THR A 255 -9.22 -13.77 -15.40
CA THR A 255 -7.81 -14.17 -15.42
C THR A 255 -7.35 -14.54 -16.83
N GLY A 256 -8.04 -14.08 -17.87
CA GLY A 256 -7.64 -14.44 -19.22
C GLY A 256 -6.28 -13.92 -19.65
N HIS A 257 -5.83 -12.77 -19.14
CA HIS A 257 -4.54 -12.23 -19.52
C HIS A 257 -3.39 -12.95 -18.80
N THR A 258 -2.20 -12.93 -19.44
CA THR A 258 -1.01 -13.61 -18.95
C THR A 258 0.10 -12.64 -18.60
N ALA A 259 -0.23 -11.37 -18.44
CA ALA A 259 0.74 -10.30 -18.25
C ALA A 259 -0.01 -9.18 -17.59
N VAL A 260 0.73 -8.14 -17.21
CA VAL A 260 0.16 -6.90 -16.67
C VAL A 260 -1.07 -6.52 -17.48
N VAL A 261 -2.20 -6.31 -16.81
CA VAL A 261 -3.40 -5.76 -17.45
C VAL A 261 -3.35 -4.24 -17.30
N GLU A 262 -3.28 -3.53 -18.41
CA GLU A 262 -3.05 -2.09 -18.39
C GLU A 262 -4.33 -1.28 -18.24
N ASP A 263 -5.42 -1.74 -18.84
CA ASP A 263 -6.62 -0.93 -18.84
C ASP A 263 -7.83 -1.86 -18.98
N VAL A 264 -8.96 -1.34 -18.54
CA VAL A 264 -10.23 -2.05 -18.63
C VAL A 264 -11.30 -1.00 -18.85
N SER A 265 -12.36 -1.37 -19.56
CA SER A 265 -13.39 -0.40 -19.84
C SER A 265 -14.71 -1.07 -20.18
N TRP A 266 -15.79 -0.57 -19.58
CA TRP A 266 -17.12 -1.09 -19.85
C TRP A 266 -17.61 -0.59 -21.21
N HIS A 267 -18.37 -1.44 -21.90
CA HIS A 267 -19.15 -0.91 -23.00
C HIS A 267 -20.12 0.15 -22.46
N LEU A 268 -20.45 1.12 -23.30
CA LEU A 268 -21.32 2.18 -22.83
C LEU A 268 -22.81 1.85 -22.96
N LEU A 269 -23.19 0.89 -23.80
CA LEU A 269 -24.60 0.52 -23.95
C LEU A 269 -24.93 -0.87 -23.41
N HIS A 270 -24.04 -1.84 -23.58
CA HIS A 270 -24.35 -3.21 -23.20
C HIS A 270 -23.75 -3.47 -21.82
N GLU A 271 -24.63 -3.62 -20.82
CA GLU A 271 -24.22 -3.63 -19.42
C GLU A 271 -23.38 -4.85 -19.06
N SER A 272 -23.40 -5.90 -19.87
CA SER A 272 -22.64 -7.12 -19.58
C SER A 272 -21.27 -7.17 -20.25
N LEU A 273 -20.99 -6.25 -21.17
CA LEU A 273 -19.78 -6.27 -21.99
C LEU A 273 -18.73 -5.32 -21.45
N PHE A 274 -17.49 -5.79 -21.42
CA PHE A 274 -16.36 -4.91 -21.18
C PHE A 274 -15.13 -5.39 -21.95
N GLY A 275 -14.14 -4.51 -22.02
CA GLY A 275 -12.91 -4.80 -22.73
C GLY A 275 -11.71 -4.53 -21.85
N SER A 276 -10.64 -5.25 -22.13
CA SER A 276 -9.40 -5.15 -21.38
C SER A 276 -8.22 -5.24 -22.32
N VAL A 277 -7.13 -4.60 -21.95
CA VAL A 277 -5.92 -4.63 -22.77
C VAL A 277 -4.74 -4.86 -21.85
N ALA A 278 -3.72 -5.55 -22.35
CA ALA A 278 -2.68 -6.01 -21.44
C ALA A 278 -1.33 -6.04 -22.16
N ASP A 279 -0.27 -6.29 -21.38
CA ASP A 279 1.09 -6.37 -21.90
C ASP A 279 1.32 -7.58 -22.77
N ASP A 280 0.40 -8.53 -22.78
CA ASP A 280 0.42 -9.67 -23.66
C ASP A 280 -0.03 -9.32 -25.08
N GLN A 281 -0.25 -8.02 -25.36
CA GLN A 281 -0.57 -7.49 -26.68
C GLN A 281 -2.02 -7.77 -27.10
N LYS A 282 -2.87 -8.22 -26.17
CA LYS A 282 -4.23 -8.61 -26.49
C LYS A 282 -5.22 -7.52 -26.11
N LEU A 283 -6.21 -7.35 -26.96
CA LEU A 283 -7.49 -6.78 -26.57
C LEU A 283 -8.43 -7.95 -26.26
N MET A 284 -9.07 -7.91 -25.11
CA MET A 284 -10.05 -8.93 -24.78
C MET A 284 -11.41 -8.30 -24.55
N ILE A 285 -12.44 -8.96 -25.10
CA ILE A 285 -13.84 -8.58 -24.90
C ILE A 285 -14.45 -9.63 -23.99
N TRP A 286 -14.96 -9.19 -22.85
CA TRP A 286 -15.56 -10.08 -21.87
C TRP A 286 -17.06 -9.86 -21.81
N ASP A 287 -17.75 -10.88 -21.32
CA ASP A 287 -19.19 -10.82 -21.09
C ASP A 287 -19.46 -11.41 -19.72
N THR A 288 -19.93 -10.59 -18.79
CA THR A 288 -20.15 -11.04 -17.42
C THR A 288 -21.19 -12.14 -17.32
N ARG A 289 -21.94 -12.38 -18.39
CA ARG A 289 -22.91 -13.46 -18.39
C ARG A 289 -22.23 -14.82 -18.54
N SER A 290 -20.98 -14.84 -18.98
CA SER A 290 -20.27 -16.09 -19.18
C SER A 290 -19.81 -16.68 -17.85
N ASN A 291 -19.85 -18.00 -17.75
CA ASN A 291 -19.42 -18.66 -16.52
C ASN A 291 -17.91 -18.82 -16.44
N ASN A 292 -17.23 -18.79 -17.58
CA ASN A 292 -15.79 -19.04 -17.65
C ASN A 292 -15.10 -17.69 -17.49
N THR A 293 -14.58 -17.43 -16.29
CA THR A 293 -13.85 -16.17 -16.05
C THR A 293 -12.39 -16.24 -16.45
N SER A 294 -11.92 -17.36 -17.01
CA SER A 294 -10.54 -17.45 -17.46
C SER A 294 -10.39 -17.26 -18.96
N LYS A 295 -11.50 -17.15 -19.70
CA LYS A 295 -11.49 -17.12 -21.15
C LYS A 295 -12.50 -16.07 -21.62
N PRO A 296 -12.07 -15.03 -22.33
CA PRO A 296 -12.99 -13.98 -22.77
C PRO A 296 -13.89 -14.47 -23.89
N SER A 297 -14.87 -13.64 -24.28
CA SER A 297 -15.65 -13.95 -25.47
C SER A 297 -14.82 -13.84 -26.73
N HIS A 298 -13.91 -12.87 -26.77
CA HIS A 298 -13.06 -12.60 -27.92
C HIS A 298 -11.69 -12.18 -27.44
N SER A 299 -10.68 -12.60 -28.18
CA SER A 299 -9.30 -12.25 -27.92
C SER A 299 -8.69 -11.83 -29.24
N VAL A 300 -8.01 -10.68 -29.25
CA VAL A 300 -7.43 -10.14 -30.46
C VAL A 300 -5.96 -9.86 -30.20
N ASP A 301 -5.12 -10.35 -31.10
CA ASP A 301 -3.74 -9.90 -31.17
C ASP A 301 -3.75 -8.49 -31.71
N ALA A 302 -3.75 -7.50 -30.81
CA ALA A 302 -4.10 -6.14 -31.21
C ALA A 302 -2.92 -5.30 -31.65
N HIS A 303 -1.71 -5.58 -31.15
CA HIS A 303 -0.56 -4.69 -31.37
C HIS A 303 0.74 -5.50 -31.38
N THR A 304 1.83 -4.87 -31.85
CA THR A 304 3.15 -5.50 -31.82
C THR A 304 3.91 -5.22 -30.52
N ALA A 305 3.25 -4.69 -29.50
CA ALA A 305 3.83 -4.44 -28.18
C ALA A 305 2.70 -4.27 -27.19
N GLU A 306 3.03 -3.83 -25.98
CA GLU A 306 2.05 -3.69 -24.90
C GLU A 306 0.89 -2.80 -25.33
N VAL A 307 -0.32 -3.18 -24.91
CA VAL A 307 -1.51 -2.36 -25.13
C VAL A 307 -1.85 -1.67 -23.81
N ASN A 308 -1.83 -0.33 -23.82
CA ASN A 308 -1.92 0.43 -22.57
C ASN A 308 -3.28 1.03 -22.28
N CYS A 309 -4.15 1.16 -23.28
CA CYS A 309 -5.42 1.85 -23.06
C CYS A 309 -6.39 1.41 -24.15
N LEU A 310 -7.68 1.53 -23.83
CA LEU A 310 -8.73 1.34 -24.81
C LEU A 310 -9.85 2.31 -24.46
N SER A 311 -10.75 2.52 -25.42
CA SER A 311 -11.85 3.43 -25.21
C SER A 311 -12.96 3.09 -26.21
N PHE A 312 -14.20 2.96 -25.72
CA PHE A 312 -15.36 2.71 -26.57
C PHE A 312 -15.95 4.00 -27.10
N ASN A 313 -16.32 3.98 -28.36
CA ASN A 313 -16.92 5.16 -28.98
C ASN A 313 -18.30 5.38 -28.39
N PRO A 314 -18.59 6.58 -27.85
CA PRO A 314 -19.89 6.78 -27.18
C PRO A 314 -21.03 7.05 -28.14
N TYR A 315 -20.78 7.09 -29.45
CA TYR A 315 -21.83 7.25 -30.44
C TYR A 315 -21.93 6.07 -31.38
N SER A 316 -20.91 5.22 -31.42
CA SER A 316 -20.79 4.11 -32.36
C SER A 316 -20.58 2.86 -31.52
N GLU A 317 -21.65 2.09 -31.30
CA GLU A 317 -21.64 1.02 -30.31
C GLU A 317 -20.75 -0.17 -30.70
N PHE A 318 -20.36 -0.30 -31.97
CA PHE A 318 -19.46 -1.37 -32.38
C PHE A 318 -17.99 -0.94 -32.43
N ILE A 319 -17.71 0.34 -32.21
CA ILE A 319 -16.38 0.90 -32.46
C ILE A 319 -15.64 1.16 -31.15
N LEU A 320 -14.36 0.79 -31.12
CA LEU A 320 -13.46 1.19 -30.05
C LEU A 320 -12.03 1.41 -30.60
N ALA A 321 -11.19 1.97 -29.74
CA ALA A 321 -9.81 2.27 -30.06
C ALA A 321 -8.91 1.76 -28.94
N THR A 322 -7.70 1.33 -29.30
CA THR A 322 -6.66 0.95 -28.34
C THR A 322 -5.38 1.71 -28.64
N GLY A 323 -4.62 2.04 -27.58
CA GLY A 323 -3.32 2.67 -27.71
C GLY A 323 -2.22 1.79 -27.15
N SER A 324 -1.01 1.89 -27.73
CA SER A 324 -0.01 0.85 -27.53
C SER A 324 1.41 1.40 -27.46
N ALA A 325 2.29 0.61 -26.82
CA ALA A 325 3.72 0.85 -26.87
C ALA A 325 4.29 0.68 -28.26
N ASP A 326 3.52 0.13 -29.20
CA ASP A 326 4.00 0.15 -30.58
C ASP A 326 3.77 1.50 -31.24
N LYS A 327 3.29 2.49 -30.47
CA LYS A 327 3.17 3.90 -30.87
C LYS A 327 2.01 4.13 -31.82
N THR A 328 1.07 3.20 -31.91
CA THR A 328 -0.08 3.36 -32.76
C THR A 328 -1.35 3.35 -31.91
N VAL A 329 -2.37 3.97 -32.46
CA VAL A 329 -3.74 3.78 -32.01
C VAL A 329 -4.41 2.90 -33.05
N ALA A 330 -5.00 1.79 -32.59
CA ALA A 330 -5.74 0.89 -33.46
C ALA A 330 -7.23 1.16 -33.32
N LEU A 331 -7.95 1.02 -34.42
CA LEU A 331 -9.40 1.16 -34.44
C LEU A 331 -10.04 -0.20 -34.68
N TRP A 332 -11.05 -0.53 -33.88
CA TRP A 332 -11.64 -1.86 -33.84
C TRP A 332 -13.15 -1.78 -34.06
N ASP A 333 -13.66 -2.83 -34.69
CA ASP A 333 -15.09 -3.07 -34.89
C ASP A 333 -15.41 -4.40 -34.19
N LEU A 334 -16.20 -4.33 -33.11
CA LEU A 334 -16.57 -5.53 -32.36
C LEU A 334 -17.17 -6.61 -33.24
N ARG A 335 -17.83 -6.24 -34.34
CA ARG A 335 -18.47 -7.25 -35.18
C ARG A 335 -17.46 -8.10 -35.95
N ASN A 336 -16.22 -7.64 -36.08
CA ASN A 336 -15.23 -8.45 -36.75
C ASN A 336 -13.86 -8.01 -36.23
N LEU A 337 -13.53 -8.54 -35.07
CA LEU A 337 -12.29 -8.19 -34.38
C LEU A 337 -11.07 -8.84 -35.00
N LYS A 338 -11.24 -9.70 -36.01
CA LYS A 338 -10.09 -10.26 -36.70
C LYS A 338 -9.35 -9.23 -37.52
N LEU A 339 -10.02 -8.14 -37.87
CA LEU A 339 -9.51 -7.19 -38.85
C LEU A 339 -9.48 -5.80 -38.23
N LYS A 340 -8.27 -5.29 -37.98
CA LYS A 340 -8.14 -3.93 -37.48
C LYS A 340 -8.62 -2.93 -38.53
N LEU A 341 -9.51 -2.03 -38.13
CA LEU A 341 -10.06 -1.07 -39.10
C LEU A 341 -9.00 -0.09 -39.58
N HIS A 342 -8.11 0.35 -38.70
CA HIS A 342 -7.19 1.41 -39.05
C HIS A 342 -6.11 1.49 -37.99
N SER A 343 -4.96 2.00 -38.39
CA SER A 343 -3.86 2.24 -37.47
C SER A 343 -3.49 3.72 -37.60
N PHE A 344 -3.71 4.47 -36.52
CA PHE A 344 -3.33 5.88 -36.44
C PHE A 344 -1.87 5.95 -36.03
N GLU A 345 -1.03 6.51 -36.89
CA GLU A 345 0.44 6.43 -36.77
C GLU A 345 1.11 7.80 -36.93
N SER A 346 1.29 8.52 -35.82
CA SER A 346 2.28 9.59 -35.78
C SER A 346 2.91 9.85 -34.41
N HIS A 347 2.51 9.15 -33.36
CA HIS A 347 3.23 9.31 -32.10
C HIS A 347 4.66 8.76 -32.25
N LYS A 348 5.58 9.38 -31.52
CA LYS A 348 6.98 8.97 -31.59
C LYS A 348 7.38 8.08 -30.44
N ASP A 349 6.48 7.83 -29.51
CA ASP A 349 6.79 6.97 -28.39
C ASP A 349 5.50 6.33 -27.93
N GLU A 350 5.62 5.57 -26.84
CA GLU A 350 4.56 4.72 -26.33
C GLU A 350 3.33 5.52 -25.90
N ILE A 351 2.17 5.08 -26.34
CA ILE A 351 0.90 5.73 -26.02
C ILE A 351 0.33 5.14 -24.75
N PHE A 352 -0.16 5.99 -23.84
CA PHE A 352 -0.72 5.51 -22.59
C PHE A 352 -2.19 5.86 -22.38
N GLN A 353 -2.74 6.83 -23.09
CA GLN A 353 -4.13 7.18 -22.90
C GLN A 353 -4.77 7.51 -24.24
N VAL A 354 -6.02 7.05 -24.40
CA VAL A 354 -6.84 7.31 -25.58
C VAL A 354 -8.25 7.61 -25.10
N GLN A 355 -8.92 8.58 -25.72
CA GLN A 355 -10.26 8.98 -25.29
C GLN A 355 -11.04 9.53 -26.48
N TRP A 356 -12.25 9.04 -26.67
CA TRP A 356 -13.10 9.60 -27.72
C TRP A 356 -13.63 10.95 -27.30
N SER A 357 -13.90 11.80 -28.29
CA SER A 357 -14.58 13.06 -28.00
C SER A 357 -15.97 12.77 -27.43
N PRO A 358 -16.37 13.42 -26.34
CA PRO A 358 -17.77 13.30 -25.88
C PRO A 358 -18.77 13.97 -26.81
N HIS A 359 -18.33 14.81 -27.76
CA HIS A 359 -19.26 15.55 -28.58
C HIS A 359 -19.26 15.17 -30.05
N ASN A 360 -18.27 14.42 -30.53
CA ASN A 360 -18.12 14.19 -31.96
C ASN A 360 -17.63 12.77 -32.22
N GLU A 361 -18.47 11.98 -32.91
CA GLU A 361 -18.27 10.55 -33.07
C GLU A 361 -17.03 10.21 -33.89
N THR A 362 -16.50 11.13 -34.68
CA THR A 362 -15.32 10.84 -35.48
C THR A 362 -14.03 11.29 -34.82
N ILE A 363 -14.09 11.86 -33.61
CA ILE A 363 -12.96 12.55 -32.99
C ILE A 363 -12.48 11.77 -31.79
N LEU A 364 -11.16 11.53 -31.74
CA LEU A 364 -10.53 10.91 -30.59
C LEU A 364 -9.15 11.49 -30.40
N ALA A 365 -8.61 11.30 -29.20
CA ALA A 365 -7.32 11.87 -28.86
C ALA A 365 -6.46 10.82 -28.16
N SER A 366 -5.15 10.97 -28.28
CA SER A 366 -4.20 10.04 -27.70
C SER A 366 -3.04 10.81 -27.09
N SER A 367 -2.48 10.26 -26.01
CA SER A 367 -1.33 10.88 -25.37
C SER A 367 -0.35 9.81 -24.90
N GLY A 368 0.86 10.24 -24.60
CA GLY A 368 1.84 9.32 -24.05
C GLY A 368 3.20 9.90 -23.73
N THR A 369 4.22 9.06 -23.88
CA THR A 369 5.55 9.41 -23.41
C THR A 369 6.33 10.29 -24.38
N ASP A 370 5.82 10.51 -25.60
CA ASP A 370 6.47 11.48 -26.50
C ASP A 370 6.03 12.91 -26.18
N ARG A 371 5.28 13.10 -25.09
CA ARG A 371 4.89 14.40 -24.55
C ARG A 371 3.93 15.14 -25.48
N ARG A 372 3.30 14.45 -26.40
CA ARG A 372 2.35 15.05 -27.32
C ARG A 372 0.96 14.50 -27.05
N LEU A 373 -0.04 15.31 -27.35
CA LEU A 373 -1.44 14.89 -27.33
C LEU A 373 -1.98 15.06 -28.76
N ASN A 374 -2.25 13.94 -29.42
CA ASN A 374 -2.71 13.95 -30.80
C ASN A 374 -4.24 13.89 -30.83
N VAL A 375 -4.84 14.72 -31.68
CA VAL A 375 -6.27 14.70 -31.94
C VAL A 375 -6.50 14.18 -33.35
N TRP A 376 -7.34 13.16 -33.48
CA TRP A 376 -7.54 12.46 -34.73
C TRP A 376 -8.98 12.64 -35.19
N ASP A 377 -9.17 12.62 -36.49
CA ASP A 377 -10.50 12.74 -37.11
C ASP A 377 -10.60 11.60 -38.11
N LEU A 378 -11.33 10.55 -37.74
CA LEU A 378 -11.39 9.39 -38.62
C LEU A 378 -12.20 9.66 -39.90
N SER A 379 -12.94 10.78 -39.96
CA SER A 379 -13.68 11.04 -41.20
C SER A 379 -12.73 11.49 -42.31
N LYS A 380 -11.52 11.89 -41.93
CA LYS A 380 -10.51 12.34 -42.88
C LYS A 380 -9.60 11.21 -43.35
N ILE A 381 -9.86 9.95 -42.95
CA ILE A 381 -9.05 8.83 -43.41
C ILE A 381 -9.22 8.65 -44.91
N GLY A 382 -8.09 8.63 -45.62
CA GLY A 382 -8.11 8.51 -47.07
C GLY A 382 -8.10 9.81 -47.84
N GLU A 383 -8.32 10.95 -47.17
CA GLU A 383 -8.34 12.28 -47.78
C GLU A 383 -7.10 12.58 -48.62
N GLU A 384 -7.25 13.48 -49.57
CA GLU A 384 -6.12 13.96 -50.37
C GLU A 384 -5.44 15.11 -49.62
N GLN A 385 -4.12 15.19 -49.77
CA GLN A 385 -3.37 16.28 -49.18
C GLN A 385 -2.22 16.68 -50.09
N SER A 386 -1.91 17.97 -50.13
CA SER A 386 -0.81 18.43 -50.95
C SER A 386 0.50 17.84 -50.43
N PRO A 387 1.42 17.44 -51.31
CA PRO A 387 2.64 16.75 -50.84
C PRO A 387 3.37 17.45 -49.73
N GLU A 388 3.35 18.79 -49.69
CA GLU A 388 3.93 19.51 -48.57
C GLU A 388 3.07 19.38 -47.32
N ASP A 389 1.75 19.49 -47.48
CA ASP A 389 0.85 19.26 -46.36
C ASP A 389 0.88 17.81 -45.89
N ALA A 390 1.17 16.88 -46.80
CA ALA A 390 1.31 15.47 -46.48
C ALA A 390 2.58 15.18 -45.68
N GLU A 391 3.44 16.18 -45.46
CA GLU A 391 4.65 15.97 -44.69
C GLU A 391 4.38 16.09 -43.19
N ASP A 392 3.48 17.00 -42.80
CA ASP A 392 3.18 17.20 -41.39
C ASP A 392 2.48 16.01 -40.77
N GLY A 393 1.89 15.13 -41.57
CA GLY A 393 1.23 13.95 -41.04
C GLY A 393 0.08 13.48 -41.91
N PRO A 394 -0.56 12.39 -41.50
CA PRO A 394 -1.68 11.86 -42.25
C PRO A 394 -2.88 12.80 -42.22
N PRO A 395 -3.79 12.70 -43.19
CA PRO A 395 -4.97 13.56 -43.14
C PRO A 395 -5.82 13.37 -41.91
N GLU A 396 -5.88 12.14 -41.36
CA GLU A 396 -6.71 11.98 -40.18
C GLU A 396 -6.08 12.55 -38.91
N LEU A 397 -4.87 13.12 -38.97
CA LEU A 397 -4.29 13.79 -37.81
C LEU A 397 -4.76 15.24 -37.80
N LEU A 398 -5.66 15.57 -36.87
CA LEU A 398 -6.27 16.90 -36.86
C LEU A 398 -5.39 17.93 -36.16
N PHE A 399 -4.69 17.53 -35.09
CA PHE A 399 -4.01 18.52 -34.26
C PHE A 399 -2.95 17.82 -33.43
N ILE A 400 -1.83 18.49 -33.22
CA ILE A 400 -0.82 18.03 -32.27
C ILE A 400 -0.70 19.09 -31.19
N HIS A 401 -1.01 18.71 -29.96
CA HIS A 401 -0.81 19.58 -28.82
C HIS A 401 0.60 19.37 -28.28
N GLY A 402 1.43 20.41 -28.38
CA GLY A 402 2.82 20.34 -27.94
C GLY A 402 3.12 21.19 -26.72
N GLY A 403 2.10 21.44 -25.88
CA GLY A 403 2.27 22.31 -24.73
C GLY A 403 3.00 21.70 -23.56
N HIS A 404 3.08 20.37 -23.49
CA HIS A 404 3.73 19.71 -22.37
C HIS A 404 5.19 19.42 -22.71
N THR A 405 6.06 19.61 -21.70
CA THR A 405 7.48 19.34 -21.82
C THR A 405 7.90 18.12 -21.02
N ALA A 406 6.95 17.32 -20.56
CA ALA A 406 7.23 16.05 -19.93
C ALA A 406 6.13 15.08 -20.33
N LYS A 407 6.35 13.80 -20.05
CA LYS A 407 5.37 12.78 -20.39
C LYS A 407 3.99 13.14 -19.86
N ILE A 408 2.98 12.98 -20.72
CA ILE A 408 1.59 13.22 -20.33
C ILE A 408 1.07 11.97 -19.64
N SER A 409 0.47 12.14 -18.46
CA SER A 409 -0.01 11.03 -17.64
C SER A 409 -1.50 10.73 -17.84
N ASP A 410 -2.30 11.76 -18.11
CA ASP A 410 -3.73 11.57 -18.31
C ASP A 410 -4.26 12.82 -18.96
N PHE A 411 -5.44 12.69 -19.58
CA PHE A 411 -6.15 13.86 -20.07
C PHE A 411 -7.63 13.54 -20.08
N SER A 412 -8.43 14.59 -20.16
CA SER A 412 -9.89 14.45 -20.10
C SER A 412 -10.52 15.49 -21.01
N TRP A 413 -11.40 15.05 -21.90
CA TRP A 413 -12.25 15.98 -22.67
C TRP A 413 -13.29 16.59 -21.74
N ASN A 414 -13.40 17.91 -21.74
CA ASN A 414 -14.49 18.58 -21.00
C ASN A 414 -15.86 18.19 -21.59
N PRO A 415 -16.77 17.63 -20.77
CA PRO A 415 -18.06 17.17 -21.31
C PRO A 415 -19.08 18.28 -21.55
N ASN A 416 -18.82 19.52 -21.11
CA ASN A 416 -19.78 20.60 -21.28
C ASN A 416 -19.30 21.72 -22.19
N GLU A 417 -18.02 21.78 -22.51
CA GLU A 417 -17.48 22.78 -23.45
C GLU A 417 -16.78 22.03 -24.56
N PRO A 418 -17.37 21.93 -25.74
CA PRO A 418 -16.73 21.16 -26.81
C PRO A 418 -15.31 21.64 -27.06
N TRP A 419 -14.42 20.68 -27.28
CA TRP A 419 -13.05 20.85 -27.72
C TRP A 419 -12.14 21.31 -26.60
N VAL A 420 -12.64 21.54 -25.38
CA VAL A 420 -11.75 21.84 -24.26
C VAL A 420 -11.20 20.53 -23.72
N ILE A 421 -9.88 20.51 -23.47
CA ILE A 421 -9.20 19.34 -22.94
C ILE A 421 -8.38 19.77 -21.74
N CYS A 422 -8.37 18.96 -20.69
CA CYS A 422 -7.39 19.08 -19.63
C CYS A 422 -6.38 17.96 -19.77
N SER A 423 -5.09 18.30 -19.78
CA SER A 423 -4.03 17.30 -19.81
C SER A 423 -3.04 17.65 -18.71
N VAL A 424 -2.47 16.62 -18.06
CA VAL A 424 -1.52 16.80 -16.98
C VAL A 424 -0.30 15.92 -17.26
N SER A 425 0.88 16.42 -16.89
CA SER A 425 2.15 15.77 -17.21
C SER A 425 2.98 15.53 -15.96
N GLU A 426 4.10 14.83 -16.15
CA GLU A 426 4.93 14.37 -15.04
C GLU A 426 5.68 15.48 -14.34
N ASP A 427 5.88 16.63 -14.99
CA ASP A 427 6.58 17.74 -14.37
C ASP A 427 5.68 18.55 -13.44
N ASN A 428 4.43 18.09 -13.25
CA ASN A 428 3.34 18.68 -12.47
C ASN A 428 2.59 19.80 -13.20
N ILE A 429 2.74 19.90 -14.51
CA ILE A 429 1.99 20.89 -15.26
C ILE A 429 0.60 20.36 -15.57
N MET A 430 -0.41 21.21 -15.43
CA MET A 430 -1.76 20.95 -15.89
C MET A 430 -2.12 22.00 -16.92
N GLN A 431 -2.63 21.59 -18.07
CA GLN A 431 -3.02 22.52 -19.11
C GLN A 431 -4.49 22.29 -19.47
N VAL A 432 -5.21 23.40 -19.60
CA VAL A 432 -6.59 23.41 -20.05
C VAL A 432 -6.61 24.26 -21.31
N TRP A 433 -6.98 23.65 -22.43
CA TRP A 433 -6.71 24.26 -23.72
C TRP A 433 -7.79 23.87 -24.72
N GLN A 434 -7.85 24.64 -25.80
CA GLN A 434 -8.82 24.38 -26.85
C GLN A 434 -8.20 24.83 -28.16
N MET A 435 -8.12 23.92 -29.13
CA MET A 435 -7.53 24.29 -30.41
C MET A 435 -8.42 25.33 -31.11
N ALA A 436 -7.79 26.08 -32.02
CA ALA A 436 -8.50 27.14 -32.72
C ALA A 436 -9.69 26.59 -33.50
N GLU A 437 -10.81 27.30 -33.43
CA GLU A 437 -12.03 26.81 -34.06
C GLU A 437 -11.87 26.58 -35.55
N ASN A 438 -11.01 27.37 -36.22
CA ASN A 438 -10.84 27.18 -37.65
C ASN A 438 -10.20 25.83 -37.97
N ILE A 439 -9.55 25.18 -37.01
CA ILE A 439 -8.90 23.91 -37.28
C ILE A 439 -9.93 22.78 -37.38
N TYR A 440 -10.91 22.75 -36.49
CA TYR A 440 -11.96 21.74 -36.57
C TYR A 440 -13.19 22.21 -37.33
N ASN A 441 -13.04 23.21 -38.22
CA ASN A 441 -14.12 23.63 -39.10
C ASN A 441 -13.75 23.62 -40.58
N ASP A 442 -12.55 23.18 -40.94
CA ASP A 442 -12.15 23.12 -42.34
C ASP A 442 -12.78 21.94 -43.06
N LYS B 35 32.88 -34.15 29.12
CA LYS B 35 32.34 -35.31 29.81
C LYS B 35 30.96 -35.02 30.40
N GLU B 36 30.93 -34.35 31.55
CA GLU B 36 29.68 -34.04 32.21
C GLU B 36 28.81 -33.07 31.41
N ALA B 37 29.42 -32.27 30.52
CA ALA B 37 28.65 -31.35 29.69
C ALA B 37 27.92 -32.08 28.58
N ALA B 38 28.62 -33.00 27.89
CA ALA B 38 27.99 -33.74 26.80
C ALA B 38 26.93 -34.71 27.31
N PHE B 39 27.10 -35.22 28.54
CA PHE B 39 26.06 -36.05 29.15
C PHE B 39 24.78 -35.23 29.37
N ASP B 40 24.93 -33.99 29.84
CA ASP B 40 23.77 -33.15 30.11
C ASP B 40 23.13 -32.62 28.83
N ASP B 41 23.93 -32.35 27.79
CA ASP B 41 23.35 -31.99 26.50
C ASP B 41 22.53 -33.14 25.93
N ALA B 42 23.02 -34.38 26.11
CA ALA B 42 22.29 -35.53 25.62
C ALA B 42 20.95 -35.67 26.33
N VAL B 43 20.93 -35.45 27.65
CA VAL B 43 19.68 -35.49 28.39
C VAL B 43 18.76 -34.35 27.94
N GLU B 44 19.33 -33.17 27.69
CA GLU B 44 18.50 -32.01 27.32
C GLU B 44 17.88 -32.19 25.94
N GLU B 45 18.63 -32.72 24.97
CA GLU B 45 18.02 -32.92 23.66
C GLU B 45 16.95 -34.00 23.69
N ARG B 46 17.13 -35.03 24.52
CA ARG B 46 16.09 -36.06 24.66
C ARG B 46 14.84 -35.50 25.34
N VAL B 47 15.00 -34.71 26.39
CA VAL B 47 13.85 -34.08 27.03
C VAL B 47 13.07 -33.26 26.00
N ILE B 48 13.78 -32.43 25.23
CA ILE B 48 13.11 -31.53 24.30
C ILE B 48 12.40 -32.31 23.21
N ASN B 49 13.07 -33.34 22.67
CA ASN B 49 12.43 -34.16 21.64
C ASN B 49 11.29 -34.99 22.22
N GLU B 50 11.45 -35.49 23.44
CA GLU B 50 10.36 -36.23 24.07
C GLU B 50 9.16 -35.33 24.31
N GLU B 51 9.38 -34.09 24.72
CA GLU B 51 8.26 -33.18 24.94
C GLU B 51 7.67 -32.67 23.65
N TYR B 52 8.48 -32.54 22.59
CA TYR B 52 7.91 -32.18 21.29
C TYR B 52 6.99 -33.28 20.78
N LYS B 53 7.39 -34.55 20.97
CA LYS B 53 6.60 -35.70 20.55
C LYS B 53 5.26 -35.74 21.28
N ILE B 54 5.30 -35.58 22.60
CA ILE B 54 4.07 -35.48 23.36
C ILE B 54 3.22 -34.31 22.87
N TRP B 55 3.85 -33.16 22.62
CA TRP B 55 3.13 -31.99 22.13
C TRP B 55 2.47 -32.28 20.79
N LYS B 56 3.24 -32.78 19.83
CA LYS B 56 2.70 -33.09 18.51
C LYS B 56 1.49 -34.02 18.63
N LYS B 57 1.57 -35.00 19.53
CA LYS B 57 0.46 -35.92 19.74
C LYS B 57 -0.77 -35.22 20.27
N ASN B 58 -0.59 -34.23 21.13
CA ASN B 58 -1.74 -33.61 21.78
C ASN B 58 -2.35 -32.44 21.01
N THR B 59 -1.74 -32.01 19.91
CA THR B 59 -2.27 -30.85 19.18
C THR B 59 -3.74 -30.97 18.79
N PRO B 60 -4.28 -32.15 18.44
CA PRO B 60 -5.72 -32.19 18.12
C PRO B 60 -6.60 -31.75 19.28
N PHE B 61 -6.12 -31.84 20.52
CA PHE B 61 -6.91 -31.48 21.68
C PHE B 61 -6.62 -30.07 22.20
N LEU B 62 -5.46 -29.50 21.86
CA LEU B 62 -5.10 -28.19 22.37
C LEU B 62 -5.28 -27.08 21.36
N TYR B 63 -5.45 -27.39 20.08
CA TYR B 63 -5.53 -26.36 19.05
C TYR B 63 -6.71 -26.61 18.14
N ASP B 64 -7.33 -25.52 17.70
CA ASP B 64 -8.18 -25.55 16.52
C ASP B 64 -7.41 -25.30 15.23
N LEU B 65 -6.11 -25.04 15.32
CA LEU B 65 -5.29 -24.83 14.13
C LEU B 65 -3.82 -24.85 14.47
N VAL B 66 -3.02 -25.59 13.69
CA VAL B 66 -1.57 -25.61 13.83
C VAL B 66 -0.94 -25.78 12.46
N MET B 67 -0.21 -24.76 12.01
CA MET B 67 0.60 -24.80 10.79
C MET B 67 2.06 -24.57 11.15
N THR B 68 2.92 -25.48 10.71
CA THR B 68 4.35 -25.39 10.95
C THR B 68 5.05 -25.23 9.60
N HIS B 69 6.02 -24.33 9.55
CA HIS B 69 6.70 -24.05 8.30
C HIS B 69 8.15 -23.71 8.59
N ALA B 70 9.08 -24.41 7.95
CA ALA B 70 10.49 -24.06 8.06
C ALA B 70 10.80 -22.98 7.01
N LEU B 71 11.17 -21.80 7.48
CA LEU B 71 11.62 -20.74 6.58
C LEU B 71 13.02 -21.07 6.09
N GLU B 72 13.37 -20.52 4.93
CA GLU B 72 14.73 -20.67 4.43
C GLU B 72 15.75 -20.28 5.49
N TRP B 73 15.47 -19.22 6.22
CA TRP B 73 16.31 -18.69 7.29
C TRP B 73 15.44 -18.32 8.48
N PRO B 74 15.99 -18.33 9.69
CA PRO B 74 15.23 -17.83 10.84
C PRO B 74 14.81 -16.38 10.63
N SER B 75 13.63 -16.06 11.16
CA SER B 75 13.20 -14.68 11.29
C SER B 75 13.32 -14.25 12.75
N LEU B 76 13.92 -13.09 12.97
CA LEU B 76 13.92 -12.49 14.29
C LEU B 76 12.65 -11.70 14.57
N THR B 77 11.76 -11.61 13.59
CA THR B 77 10.68 -10.65 13.64
C THR B 77 9.45 -11.26 12.98
N ALA B 78 8.29 -10.89 13.48
CA ALA B 78 7.03 -11.28 12.87
C ALA B 78 5.98 -10.24 13.20
N GLN B 79 5.19 -9.89 12.19
CA GLN B 79 4.08 -8.96 12.39
C GLN B 79 3.07 -9.18 11.28
N TRP B 80 1.83 -9.41 11.66
CA TRP B 80 0.75 -9.48 10.68
C TRP B 80 0.52 -8.11 10.03
N LEU B 81 0.37 -8.10 8.72
CA LEU B 81 -0.17 -6.93 8.07
C LEU B 81 -1.67 -6.83 8.38
N PRO B 82 -2.27 -5.64 8.26
CA PRO B 82 -3.67 -5.49 8.67
C PRO B 82 -4.70 -6.02 7.67
N ASP B 83 -4.31 -6.41 6.47
CA ASP B 83 -5.26 -6.75 5.42
C ASP B 83 -5.55 -8.24 5.37
N VAL B 84 -6.81 -8.58 5.14
CA VAL B 84 -7.23 -9.94 4.82
C VAL B 84 -7.98 -9.89 3.51
N THR B 85 -7.80 -10.92 2.70
CA THR B 85 -8.56 -11.13 1.48
C THR B 85 -9.43 -12.36 1.64
N ARG B 86 -10.72 -12.24 1.31
CA ARG B 86 -11.64 -13.38 1.37
C ARG B 86 -12.18 -13.65 -0.03
N PRO B 87 -11.47 -14.42 -0.83
CA PRO B 87 -11.90 -14.66 -2.22
C PRO B 87 -13.31 -15.21 -2.30
N GLU B 88 -14.06 -14.69 -3.26
CA GLU B 88 -15.47 -15.05 -3.43
C GLU B 88 -15.67 -16.56 -3.45
N GLY B 89 -16.49 -17.05 -2.52
CA GLY B 89 -16.90 -18.44 -2.50
C GLY B 89 -15.82 -19.47 -2.21
N LYS B 90 -14.71 -19.07 -1.59
CA LYS B 90 -13.68 -20.02 -1.23
C LYS B 90 -13.66 -20.23 0.28
N ASP B 91 -13.13 -21.39 0.68
CA ASP B 91 -13.17 -21.80 2.08
C ASP B 91 -11.94 -21.34 2.88
N PHE B 92 -11.17 -20.40 2.34
CA PHE B 92 -10.00 -19.87 3.04
C PHE B 92 -9.95 -18.38 2.79
N SER B 93 -9.20 -17.69 3.65
CA SER B 93 -8.90 -16.28 3.49
C SER B 93 -7.39 -16.09 3.49
N ILE B 94 -6.95 -14.94 3.01
CA ILE B 94 -5.53 -14.68 2.75
C ILE B 94 -5.07 -13.55 3.67
N HIS B 95 -3.98 -13.81 4.40
CA HIS B 95 -3.38 -12.88 5.35
C HIS B 95 -1.90 -12.78 5.04
N ARG B 96 -1.27 -11.72 5.54
CA ARG B 96 0.13 -11.50 5.20
C ARG B 96 0.90 -11.09 6.44
N LEU B 97 2.21 -11.35 6.38
CA LEU B 97 3.12 -11.20 7.50
C LEU B 97 4.38 -10.50 7.04
N VAL B 98 4.81 -9.52 7.81
CA VAL B 98 6.16 -8.99 7.65
C VAL B 98 7.12 -9.89 8.43
N LEU B 99 8.11 -10.44 7.74
CA LEU B 99 9.17 -11.24 8.31
C LEU B 99 10.50 -10.69 7.84
N GLY B 100 11.57 -11.20 8.42
CA GLY B 100 12.91 -10.94 7.94
C GLY B 100 13.72 -12.21 7.94
N THR B 101 14.98 -12.08 7.56
CA THR B 101 15.93 -13.18 7.64
C THR B 101 16.98 -12.88 8.69
N HIS B 102 17.67 -13.94 9.12
CA HIS B 102 18.85 -13.85 9.96
C HIS B 102 19.78 -14.93 9.45
N THR B 103 20.67 -14.55 8.52
CA THR B 103 21.53 -15.52 7.87
C THR B 103 22.88 -15.60 8.58
N SER B 104 23.62 -16.66 8.23
CA SER B 104 25.01 -16.81 8.70
C SER B 104 25.93 -16.32 7.58
N ASP B 105 26.12 -15.00 7.53
CA ASP B 105 26.97 -14.38 6.52
C ASP B 105 26.48 -14.73 5.12
N GLU B 106 25.18 -14.52 4.89
CA GLU B 106 24.57 -14.67 3.59
C GLU B 106 23.68 -13.45 3.35
N GLN B 107 23.23 -13.28 2.11
CA GLN B 107 22.37 -12.14 1.78
C GLN B 107 21.06 -12.21 2.55
N ASN B 108 20.71 -11.12 3.23
CA ASN B 108 19.48 -11.03 4.00
C ASN B 108 18.38 -10.35 3.20
N HIS B 109 17.13 -10.55 3.65
CA HIS B 109 15.96 -10.00 2.97
C HIS B 109 14.91 -9.55 3.98
N LEU B 110 14.31 -8.39 3.71
CA LEU B 110 13.01 -8.07 4.27
C LEU B 110 11.97 -8.85 3.49
N VAL B 111 11.06 -9.53 4.19
CA VAL B 111 10.21 -10.54 3.58
C VAL B 111 8.74 -10.25 3.88
N ILE B 112 7.89 -10.39 2.87
CA ILE B 112 6.44 -10.39 3.07
C ILE B 112 5.93 -11.75 2.63
N ALA B 113 5.27 -12.46 3.54
CA ALA B 113 4.68 -13.76 3.25
C ALA B 113 3.16 -13.71 3.30
N SER B 114 2.53 -14.59 2.52
CA SER B 114 1.08 -14.78 2.58
C SER B 114 0.78 -16.10 3.27
N VAL B 115 -0.37 -16.15 3.95
CA VAL B 115 -0.81 -17.31 4.72
C VAL B 115 -2.28 -17.54 4.42
N GLN B 116 -2.62 -18.74 3.97
CA GLN B 116 -4.01 -19.12 3.76
C GLN B 116 -4.56 -19.73 5.05
N LEU B 117 -5.62 -19.14 5.58
CA LEU B 117 -6.25 -19.59 6.80
C LEU B 117 -7.66 -20.05 6.50
N PRO B 118 -8.06 -21.23 6.98
CA PRO B 118 -9.38 -21.76 6.60
C PRO B 118 -10.50 -21.01 7.31
N ASN B 119 -11.59 -20.77 6.56
CA ASN B 119 -12.85 -20.37 7.20
C ASN B 119 -13.43 -21.55 7.98
N ASP B 120 -13.34 -22.75 7.41
CA ASP B 120 -13.92 -24.00 7.95
C ASP B 120 -15.42 -23.88 8.19
N GLY B 144 -4.12 -25.02 3.66
CA GLY B 144 -3.48 -23.82 4.14
C GLY B 144 -1.99 -23.74 3.79
N LYS B 145 -1.65 -22.89 2.83
CA LYS B 145 -0.30 -22.79 2.30
C LYS B 145 0.33 -21.47 2.71
N ILE B 146 1.66 -21.49 2.82
CA ILE B 146 2.47 -20.36 3.25
C ILE B 146 3.47 -20.08 2.14
N GLU B 147 3.44 -18.87 1.60
CA GLU B 147 4.26 -18.52 0.44
C GLU B 147 4.95 -17.18 0.64
N ILE B 148 6.20 -17.10 0.20
CA ILE B 148 6.92 -15.84 0.14
C ILE B 148 6.42 -15.05 -1.05
N GLU B 149 5.93 -13.83 -0.80
CA GLU B 149 5.41 -12.98 -1.85
C GLU B 149 6.43 -11.96 -2.35
N ILE B 150 7.17 -11.33 -1.43
CA ILE B 150 8.17 -10.30 -1.75
C ILE B 150 9.40 -10.55 -0.89
N LYS B 151 10.58 -10.36 -1.48
CA LYS B 151 11.84 -10.29 -0.75
C LYS B 151 12.60 -9.06 -1.22
N ILE B 152 13.03 -8.23 -0.27
CA ILE B 152 13.77 -7.00 -0.58
C ILE B 152 15.14 -7.11 0.04
N ASN B 153 16.19 -6.90 -0.77
CA ASN B 153 17.55 -6.96 -0.27
C ASN B 153 17.69 -6.09 0.97
N HIS B 154 18.29 -6.67 2.01
CA HIS B 154 18.45 -6.01 3.30
C HIS B 154 19.91 -6.17 3.74
N GLU B 155 20.49 -5.07 4.21
CA GLU B 155 21.90 -5.10 4.65
C GLU B 155 21.94 -5.62 6.09
N GLY B 156 22.46 -6.84 6.27
CA GLY B 156 22.45 -7.49 7.57
C GLY B 156 21.10 -8.09 7.93
N GLU B 157 21.06 -8.79 9.06
CA GLU B 157 19.82 -9.43 9.48
C GLU B 157 18.81 -8.38 9.94
N VAL B 158 17.54 -8.71 9.75
CA VAL B 158 16.43 -7.83 10.14
C VAL B 158 16.19 -8.06 11.64
N ASN B 159 16.73 -7.19 12.49
CA ASN B 159 16.46 -7.28 13.92
C ASN B 159 14.97 -7.15 14.20
N ARG B 160 14.30 -6.24 13.50
CA ARG B 160 12.88 -6.01 13.71
C ARG B 160 12.35 -5.26 12.48
N ALA B 161 11.12 -5.58 12.07
CA ALA B 161 10.45 -4.87 10.99
C ALA B 161 9.03 -4.59 11.41
N ARG B 162 8.56 -3.38 11.15
CA ARG B 162 7.23 -2.96 11.60
C ARG B 162 6.63 -2.05 10.54
N TYR B 163 5.37 -2.32 10.16
CA TYR B 163 4.74 -1.47 9.16
C TYR B 163 4.18 -0.20 9.79
N MET B 164 3.96 0.81 8.96
CA MET B 164 3.41 2.08 9.40
C MET B 164 1.89 2.00 9.39
N PRO B 165 1.21 2.20 10.53
CA PRO B 165 -0.26 1.99 10.56
C PRO B 165 -1.00 2.81 9.52
N GLN B 166 -0.61 4.07 9.31
CA GLN B 166 -1.35 4.92 8.39
C GLN B 166 -1.08 4.57 6.93
N ASN B 167 -0.02 3.82 6.65
CA ASN B 167 0.20 3.30 5.30
C ASN B 167 1.06 2.05 5.40
N PRO B 168 0.44 0.87 5.48
CA PRO B 168 1.19 -0.35 5.83
C PRO B 168 2.13 -0.83 4.74
N CYS B 169 2.23 -0.12 3.61
CA CYS B 169 3.30 -0.38 2.66
C CYS B 169 4.64 0.19 3.11
N ILE B 170 4.65 1.05 4.13
CA ILE B 170 5.87 1.62 4.67
C ILE B 170 6.33 0.76 5.83
N ILE B 171 7.53 0.20 5.71
CA ILE B 171 8.07 -0.68 6.72
C ILE B 171 9.44 -0.15 7.15
N ALA B 172 9.61 0.00 8.46
CA ALA B 172 10.90 0.35 9.04
C ALA B 172 11.56 -0.93 9.56
N THR B 173 12.89 -1.01 9.43
CA THR B 173 13.62 -2.17 9.91
C THR B 173 14.78 -1.72 10.80
N LYS B 174 15.08 -2.53 11.81
CA LYS B 174 16.32 -2.39 12.56
C LYS B 174 17.35 -3.38 12.01
N THR B 175 18.57 -2.91 11.83
CA THR B 175 19.66 -3.64 11.19
C THR B 175 20.81 -3.80 12.16
N PRO B 176 21.76 -4.70 11.87
CA PRO B 176 22.93 -4.86 12.77
C PRO B 176 23.83 -3.65 12.85
N SER B 177 23.67 -2.68 11.95
CA SER B 177 24.39 -1.42 11.99
C SER B 177 23.50 -0.36 12.65
N SER B 178 23.98 0.88 12.69
CA SER B 178 23.27 1.90 13.44
C SER B 178 22.11 2.55 12.68
N ASP B 179 22.15 2.57 11.35
CA ASP B 179 21.07 3.14 10.54
C ASP B 179 19.77 2.35 10.72
N VAL B 180 18.66 3.09 10.79
CA VAL B 180 17.32 2.52 10.71
C VAL B 180 16.81 2.77 9.29
N LEU B 181 16.27 1.72 8.66
CA LEU B 181 15.91 1.77 7.25
C LEU B 181 14.40 1.85 7.09
N VAL B 182 13.97 2.55 6.04
CA VAL B 182 12.56 2.63 5.70
C VAL B 182 12.39 2.21 4.25
N PHE B 183 11.51 1.23 4.02
CA PHE B 183 11.19 0.72 2.69
C PHE B 183 9.72 0.94 2.43
N ASP B 184 9.40 1.46 1.24
CA ASP B 184 8.05 1.35 0.69
C ASP B 184 8.08 0.12 -0.21
N TYR B 185 7.42 -0.95 0.20
CA TYR B 185 7.65 -2.17 -0.56
C TYR B 185 6.97 -2.15 -1.92
N THR B 186 6.10 -1.17 -2.19
CA THR B 186 5.57 -1.02 -3.53
C THR B 186 6.57 -0.40 -4.50
N LYS B 187 7.70 0.12 -4.01
CA LYS B 187 8.73 0.71 -4.86
C LYS B 187 9.90 -0.24 -5.07
N HIS B 188 9.68 -1.53 -4.86
CA HIS B 188 10.76 -2.48 -5.06
C HIS B 188 10.22 -3.63 -5.89
N PRO B 189 11.09 -4.27 -6.68
CA PRO B 189 10.66 -5.46 -7.42
C PRO B 189 10.28 -6.59 -6.47
N SER B 190 9.43 -7.49 -6.95
CA SER B 190 9.07 -8.65 -6.13
C SER B 190 10.22 -9.64 -6.04
N LYS B 191 10.93 -9.88 -7.13
CA LYS B 191 12.14 -10.66 -7.09
C LYS B 191 13.33 -9.73 -6.80
N PRO B 192 14.11 -10.00 -5.76
CA PRO B 192 15.21 -9.08 -5.42
C PRO B 192 16.35 -9.12 -6.41
N ASP B 193 17.05 -8.00 -6.50
CA ASP B 193 18.23 -7.91 -7.36
C ASP B 193 19.29 -8.88 -6.87
N PRO B 194 19.83 -9.76 -7.73
CA PRO B 194 20.81 -10.75 -7.28
C PRO B 194 22.15 -10.16 -6.86
N SER B 195 22.39 -8.87 -7.12
CA SER B 195 23.56 -8.17 -6.61
C SER B 195 23.57 -8.07 -5.07
N GLY B 196 22.44 -8.35 -4.43
CA GLY B 196 22.33 -8.17 -2.99
C GLY B 196 22.29 -6.72 -2.54
N GLU B 197 22.27 -5.79 -3.48
CA GLU B 197 22.39 -4.37 -3.15
C GLU B 197 21.13 -3.89 -2.43
N CYS B 198 21.31 -3.30 -1.25
CA CYS B 198 20.20 -2.82 -0.43
C CYS B 198 19.96 -1.35 -0.73
N ASN B 199 18.78 -1.04 -1.26
CA ASN B 199 18.40 0.33 -1.64
C ASN B 199 17.20 0.79 -0.82
N PRO B 200 17.41 1.15 0.45
CA PRO B 200 16.29 1.63 1.27
C PRO B 200 15.79 2.98 0.78
N ASP B 201 14.51 3.22 1.00
CA ASP B 201 13.92 4.50 0.58
C ASP B 201 14.30 5.65 1.50
N LEU B 202 14.56 5.37 2.78
CA LEU B 202 15.14 6.37 3.68
C LEU B 202 16.14 5.70 4.60
N ARG B 203 17.15 6.46 5.01
CA ARG B 203 18.11 6.06 6.02
C ARG B 203 17.99 7.00 7.20
N LEU B 204 17.59 6.47 8.35
CA LEU B 204 17.34 7.28 9.54
C LEU B 204 18.57 7.20 10.43
N ARG B 205 19.24 8.34 10.62
CA ARG B 205 20.47 8.40 11.40
C ARG B 205 20.22 9.00 12.76
N GLY B 206 21.06 8.62 13.72
CA GLY B 206 20.94 9.14 15.07
C GLY B 206 21.45 8.15 16.08
N HIS B 207 21.49 6.88 15.71
CA HIS B 207 22.03 5.89 16.62
C HIS B 207 23.52 5.67 16.39
N GLN B 208 24.15 5.09 17.41
CA GLN B 208 25.53 4.67 17.36
C GLN B 208 25.67 3.16 17.28
N LYS B 209 24.62 2.42 17.65
CA LYS B 209 24.64 0.97 17.61
C LYS B 209 23.28 0.46 17.15
N GLU B 210 23.22 -0.85 16.95
CA GLU B 210 21.99 -1.57 16.59
C GLU B 210 21.06 -1.67 17.79
N GLY B 211 19.85 -2.11 17.51
CA GLY B 211 18.83 -2.24 18.53
C GLY B 211 17.68 -3.09 18.03
N TYR B 212 16.63 -3.13 18.85
CA TYR B 212 15.43 -3.91 18.52
C TYR B 212 14.17 -3.08 18.56
N GLY B 213 14.10 -2.09 19.43
CA GLY B 213 12.84 -1.39 19.67
C GLY B 213 12.46 -0.49 18.52
N LEU B 214 11.19 -0.55 18.11
CA LEU B 214 10.73 0.14 16.92
C LEU B 214 9.23 0.35 17.06
N SER B 215 8.78 1.59 16.95
CA SER B 215 7.35 1.86 17.18
C SER B 215 6.92 3.08 16.38
N TRP B 216 5.88 2.89 15.58
CA TRP B 216 5.26 3.95 14.80
C TRP B 216 4.14 4.58 15.58
N ASN B 217 4.08 5.89 15.57
CA ASN B 217 2.99 6.57 16.27
C ASN B 217 1.69 6.35 15.52
N PRO B 218 0.68 5.73 16.15
CA PRO B 218 -0.59 5.48 15.44
C PRO B 218 -1.48 6.71 15.31
N ASN B 219 -1.08 7.86 15.88
CA ASN B 219 -1.87 9.08 15.78
C ASN B 219 -1.17 10.22 15.05
N LEU B 220 0.12 10.09 14.76
CA LEU B 220 0.87 11.10 14.02
C LEU B 220 1.65 10.37 12.95
N SER B 221 1.22 10.52 11.70
CA SER B 221 1.73 9.71 10.61
C SER B 221 3.22 9.94 10.43
N GLY B 222 3.97 8.82 10.39
CA GLY B 222 5.39 8.87 10.12
C GLY B 222 6.26 9.30 11.29
N HIS B 223 5.74 9.28 12.50
CA HIS B 223 6.56 9.55 13.68
C HIS B 223 7.07 8.22 14.22
N LEU B 224 8.37 8.01 14.13
CA LEU B 224 8.96 6.71 14.42
C LEU B 224 9.97 6.81 15.56
N LEU B 225 9.81 5.96 16.56
CA LEU B 225 10.73 5.80 17.68
C LEU B 225 11.54 4.53 17.49
N SER B 226 12.76 4.56 18.01
CA SER B 226 13.68 3.44 17.89
C SER B 226 14.55 3.40 19.14
N ALA B 227 14.77 2.21 19.66
CA ALA B 227 15.64 1.97 20.80
C ALA B 227 16.92 1.28 20.35
N SER B 228 18.01 1.52 21.07
CA SER B 228 19.31 1.09 20.57
C SER B 228 20.19 0.61 21.71
N ASP B 229 21.18 -0.23 21.37
CA ASP B 229 22.20 -0.61 22.35
C ASP B 229 23.11 0.55 22.74
N ASP B 230 22.99 1.72 22.11
CA ASP B 230 23.77 2.88 22.50
C ASP B 230 23.16 3.65 23.65
N HIS B 231 22.15 3.08 24.32
CA HIS B 231 21.47 3.65 25.49
C HIS B 231 20.50 4.77 25.14
N THR B 232 20.19 5.00 23.87
CA THR B 232 19.35 6.14 23.51
C THR B 232 18.13 5.68 22.72
N ILE B 233 17.14 6.56 22.69
CA ILE B 233 15.95 6.43 21.85
C ILE B 233 15.93 7.60 20.86
N CYS B 234 15.73 7.30 19.60
CA CYS B 234 15.67 8.30 18.53
C CYS B 234 14.25 8.47 18.02
N LEU B 235 13.95 9.69 17.59
CA LEU B 235 12.65 10.05 17.04
C LEU B 235 12.85 10.68 15.67
N TRP B 236 12.14 10.17 14.68
CA TRP B 236 12.13 10.74 13.34
C TRP B 236 10.71 11.07 12.95
N ASP B 237 10.55 12.17 12.22
CA ASP B 237 9.31 12.52 11.54
C ASP B 237 9.62 12.48 10.05
N ILE B 238 9.15 11.45 9.37
CA ILE B 238 9.39 11.27 7.94
C ILE B 238 8.20 11.72 7.11
N SER B 239 7.19 12.33 7.74
CA SER B 239 5.90 12.51 7.08
C SER B 239 6.02 13.38 5.83
N ALA B 240 6.84 14.43 5.89
CA ALA B 240 7.05 15.34 4.78
C ALA B 240 8.42 15.17 4.13
N VAL B 241 9.03 14.00 4.27
CA VAL B 241 10.37 13.74 3.75
C VAL B 241 10.25 12.92 2.48
N PRO B 242 10.70 13.42 1.33
CA PRO B 242 10.66 12.61 0.09
C PRO B 242 11.52 11.36 0.23
N LYS B 243 10.93 10.21 -0.11
CA LYS B 243 11.56 8.92 0.13
C LYS B 243 12.26 8.43 -1.14
N GLU B 244 13.49 8.90 -1.32
CA GLU B 244 14.29 8.57 -2.49
C GLU B 244 15.74 8.34 -2.09
N GLY B 245 15.96 7.51 -1.07
CA GLY B 245 17.29 7.22 -0.58
C GLY B 245 17.87 8.25 0.36
N LYS B 246 17.15 9.33 0.63
CA LYS B 246 17.65 10.41 1.47
C LYS B 246 17.99 9.90 2.86
N VAL B 247 18.95 10.58 3.50
CA VAL B 247 19.33 10.34 4.89
C VAL B 247 18.62 11.37 5.77
N VAL B 248 18.01 10.92 6.86
CA VAL B 248 17.22 11.76 7.76
C VAL B 248 17.83 11.73 9.15
N ASP B 249 18.17 12.91 9.69
CA ASP B 249 18.66 12.97 11.05
C ASP B 249 17.52 12.96 12.07
N ALA B 250 17.79 12.36 13.22
CA ALA B 250 16.81 12.27 14.29
C ALA B 250 16.33 13.66 14.71
N LYS B 251 15.00 13.79 14.83
CA LYS B 251 14.40 15.02 15.33
C LYS B 251 14.70 15.23 16.81
N THR B 252 14.79 14.15 17.57
CA THR B 252 14.99 14.19 19.01
C THR B 252 15.68 12.90 19.41
N ILE B 253 16.55 12.98 20.42
CA ILE B 253 17.20 11.82 21.01
C ILE B 253 16.96 11.86 22.52
N PHE B 254 16.48 10.77 23.07
CA PHE B 254 16.15 10.69 24.50
C PHE B 254 17.22 9.87 25.20
N THR B 255 17.86 10.46 26.20
CA THR B 255 19.07 9.91 26.80
C THR B 255 18.89 9.49 28.26
N GLY B 256 17.66 9.26 28.71
CA GLY B 256 17.46 8.98 30.12
C GLY B 256 18.02 7.65 30.60
N HIS B 257 17.99 6.63 29.75
CA HIS B 257 18.49 5.31 30.16
C HIS B 257 20.01 5.32 30.29
N THR B 258 20.51 4.40 31.13
CA THR B 258 21.95 4.26 31.37
C THR B 258 22.51 2.94 30.86
N ALA B 259 21.78 2.24 30.00
CA ALA B 259 22.18 0.92 29.51
C ALA B 259 21.42 0.66 28.21
N VAL B 260 21.70 -0.49 27.58
CA VAL B 260 21.01 -0.91 26.37
C VAL B 260 19.50 -0.70 26.53
N VAL B 261 18.90 0.07 25.62
CA VAL B 261 17.45 0.22 25.57
C VAL B 261 16.91 -0.91 24.68
N GLU B 262 16.10 -1.80 25.28
CA GLU B 262 15.62 -3.01 24.62
C GLU B 262 14.36 -2.77 23.79
N ASP B 263 13.44 -1.94 24.28
CA ASP B 263 12.17 -1.76 23.59
C ASP B 263 11.62 -0.36 23.84
N VAL B 264 10.81 0.10 22.89
CA VAL B 264 10.15 1.39 22.95
C VAL B 264 8.77 1.22 22.29
N SER B 265 7.78 1.98 22.77
CA SER B 265 6.44 1.86 22.23
C SER B 265 5.68 3.16 22.50
N TRP B 266 5.03 3.66 21.47
CA TRP B 266 4.06 4.73 21.60
C TRP B 266 2.84 4.26 22.38
N HIS B 267 2.30 5.16 23.20
CA HIS B 267 0.93 4.99 23.67
C HIS B 267 -0.01 4.94 22.47
N LEU B 268 -1.10 4.22 22.62
CA LEU B 268 -2.05 4.07 21.51
C LEU B 268 -3.05 5.22 21.43
N LEU B 269 -3.17 6.05 22.47
CA LEU B 269 -4.20 7.09 22.49
C LEU B 269 -3.62 8.48 22.59
N HIS B 270 -2.63 8.69 23.44
CA HIS B 270 -2.05 10.00 23.67
C HIS B 270 -0.77 10.12 22.85
N GLU B 271 -0.82 10.99 21.83
CA GLU B 271 0.15 11.05 20.74
C GLU B 271 1.53 11.53 21.16
N SER B 272 1.65 12.12 22.35
CA SER B 272 2.92 12.64 22.84
C SER B 272 3.59 11.70 23.84
N LEU B 273 2.95 10.59 24.16
CA LEU B 273 3.36 9.72 25.26
C LEU B 273 3.95 8.42 24.74
N PHE B 274 5.06 7.99 25.34
CA PHE B 274 5.59 6.68 24.98
C PHE B 274 6.41 6.11 26.14
N GLY B 275 6.63 4.79 26.07
CA GLY B 275 7.38 4.08 27.09
C GLY B 275 8.62 3.44 26.50
N SER B 276 9.62 3.24 27.35
CA SER B 276 10.86 2.57 27.01
C SER B 276 11.23 1.63 28.16
N VAL B 277 11.97 0.57 27.82
CA VAL B 277 12.48 -0.38 28.81
C VAL B 277 13.91 -0.74 28.43
N ALA B 278 14.75 -0.93 29.45
CA ALA B 278 16.18 -1.00 29.20
C ALA B 278 16.84 -2.01 30.12
N ASP B 279 18.10 -2.32 29.79
CA ASP B 279 18.90 -3.21 30.62
C ASP B 279 19.21 -2.63 31.98
N ASP B 280 18.94 -1.34 32.20
CA ASP B 280 19.07 -0.73 33.53
C ASP B 280 17.90 -1.10 34.44
N GLN B 281 17.03 -2.03 34.03
CA GLN B 281 15.91 -2.54 34.80
C GLN B 281 14.78 -1.52 34.93
N LYS B 282 14.82 -0.44 34.17
CA LYS B 282 13.85 0.64 34.28
C LYS B 282 12.78 0.53 33.21
N LEU B 283 11.55 0.89 33.59
CA LEU B 283 10.52 1.32 32.67
C LEU B 283 10.46 2.84 32.77
N MET B 284 10.53 3.52 31.63
CA MET B 284 10.49 4.97 31.59
C MET B 284 9.36 5.45 30.69
N ILE B 285 8.57 6.38 31.20
CA ILE B 285 7.43 6.97 30.50
C ILE B 285 7.84 8.36 30.05
N TRP B 286 7.71 8.63 28.77
CA TRP B 286 8.18 9.87 28.17
C TRP B 286 7.03 10.66 27.57
N ASP B 287 7.24 11.98 27.49
CA ASP B 287 6.31 12.88 26.82
C ASP B 287 7.10 13.76 25.85
N THR B 288 6.75 13.66 24.56
CA THR B 288 7.49 14.42 23.55
C THR B 288 7.34 15.93 23.73
N ARG B 289 6.38 16.38 24.53
CA ARG B 289 6.21 17.81 24.75
C ARG B 289 7.23 18.37 25.72
N SER B 290 7.89 17.51 26.51
CA SER B 290 8.91 18.01 27.42
C SER B 290 10.11 18.54 26.66
N ASN B 291 10.78 19.53 27.24
CA ASN B 291 12.03 20.03 26.67
C ASN B 291 13.26 19.33 27.24
N ASN B 292 13.12 18.61 28.34
CA ASN B 292 14.21 17.83 28.91
C ASN B 292 14.12 16.42 28.35
N THR B 293 15.01 16.09 27.42
CA THR B 293 15.06 14.78 26.81
C THR B 293 16.07 13.86 27.49
N SER B 294 16.65 14.28 28.61
CA SER B 294 17.50 13.42 29.41
C SER B 294 16.81 12.90 30.66
N LYS B 295 15.58 13.33 30.92
CA LYS B 295 14.83 12.90 32.10
C LYS B 295 13.39 12.57 31.67
N PRO B 296 12.90 11.37 31.94
CA PRO B 296 11.53 11.02 31.55
C PRO B 296 10.52 11.54 32.57
N SER B 297 9.26 11.55 32.15
CA SER B 297 8.18 11.93 33.07
C SER B 297 8.14 10.99 34.27
N HIS B 298 8.36 9.70 34.05
CA HIS B 298 8.41 8.73 35.12
C HIS B 298 9.48 7.70 34.82
N SER B 299 10.01 7.14 35.90
CA SER B 299 11.02 6.11 35.84
C SER B 299 10.72 5.18 37.00
N VAL B 300 10.58 3.89 36.73
CA VAL B 300 10.30 2.92 37.79
C VAL B 300 11.30 1.78 37.67
N ASP B 301 11.75 1.30 38.83
CA ASP B 301 12.52 0.07 38.90
C ASP B 301 11.53 -1.04 38.66
N ALA B 302 11.49 -1.56 37.43
CA ALA B 302 10.40 -2.41 37.03
C ALA B 302 10.65 -3.88 37.33
N HIS B 303 11.90 -4.33 37.22
CA HIS B 303 12.21 -5.73 37.34
C HIS B 303 13.52 -5.90 38.08
N THR B 304 13.82 -7.15 38.46
CA THR B 304 15.10 -7.45 39.09
C THR B 304 16.17 -7.86 38.08
N ALA B 305 15.89 -7.70 36.79
CA ALA B 305 16.89 -7.92 35.75
C ALA B 305 16.50 -7.08 34.54
N GLU B 306 17.18 -7.32 33.41
CA GLU B 306 16.94 -6.54 32.20
C GLU B 306 15.47 -6.61 31.79
N VAL B 307 14.95 -5.48 31.32
CA VAL B 307 13.59 -5.40 30.77
C VAL B 307 13.70 -5.34 29.25
N ASN B 308 13.16 -6.36 28.59
CA ASN B 308 13.35 -6.54 27.16
C ASN B 308 12.18 -6.07 26.31
N CYS B 309 10.99 -5.88 26.88
CA CYS B 309 9.82 -5.58 26.06
C CYS B 309 8.74 -4.92 26.91
N LEU B 310 7.89 -4.15 26.23
CA LEU B 310 6.71 -3.56 26.85
C LEU B 310 5.57 -3.48 25.84
N SER B 311 4.35 -3.48 26.36
CA SER B 311 3.17 -3.42 25.50
C SER B 311 2.07 -2.66 26.25
N PHE B 312 1.51 -1.65 25.61
CA PHE B 312 0.38 -0.94 26.17
C PHE B 312 -0.91 -1.68 25.85
N ASN B 313 -1.79 -1.77 26.83
CA ASN B 313 -3.09 -2.44 26.67
C ASN B 313 -3.98 -1.62 25.74
N PRO B 314 -4.42 -2.19 24.61
CA PRO B 314 -5.17 -1.37 23.62
C PRO B 314 -6.55 -0.96 24.07
N TYR B 315 -7.08 -1.54 25.16
CA TYR B 315 -8.40 -1.21 25.66
C TYR B 315 -8.40 -0.40 26.96
N SER B 316 -7.32 -0.46 27.73
CA SER B 316 -7.21 0.23 29.01
C SER B 316 -6.02 1.15 28.96
N GLU B 317 -6.28 2.45 28.84
CA GLU B 317 -5.21 3.39 28.54
C GLU B 317 -4.22 3.56 29.69
N PHE B 318 -4.53 3.10 30.90
CA PHE B 318 -3.57 3.21 31.99
C PHE B 318 -2.76 1.94 32.21
N ILE B 319 -2.97 0.88 31.43
CA ILE B 319 -2.36 -0.42 31.70
C ILE B 319 -1.34 -0.79 30.63
N LEU B 320 -0.19 -1.31 31.07
CA LEU B 320 0.81 -1.86 30.16
C LEU B 320 1.50 -3.04 30.84
N ALA B 321 2.20 -3.83 30.04
CA ALA B 321 2.93 -4.98 30.55
C ALA B 321 4.37 -4.88 30.11
N THR B 322 5.28 -5.39 30.94
CA THR B 322 6.70 -5.49 30.60
C THR B 322 7.15 -6.92 30.81
N GLY B 323 8.11 -7.34 30.00
CA GLY B 323 8.68 -8.68 30.08
C GLY B 323 10.17 -8.56 30.32
N SER B 324 10.69 -9.44 31.18
CA SER B 324 12.05 -9.28 31.71
C SER B 324 12.88 -10.55 31.65
N ALA B 325 14.19 -10.35 31.65
CA ALA B 325 15.12 -11.42 31.98
C ALA B 325 14.85 -12.05 33.35
N ASP B 326 14.15 -11.36 34.25
CA ASP B 326 13.86 -12.01 35.53
C ASP B 326 12.80 -13.08 35.40
N LYS B 327 12.34 -13.36 34.20
CA LYS B 327 11.40 -14.42 33.83
C LYS B 327 9.95 -14.08 34.18
N THR B 328 9.65 -12.84 34.55
CA THR B 328 8.27 -12.45 34.83
C THR B 328 7.76 -11.44 33.81
N VAL B 329 6.45 -11.38 33.72
CA VAL B 329 5.74 -10.29 33.07
C VAL B 329 5.11 -9.46 34.19
N ALA B 330 5.39 -8.17 34.20
CA ALA B 330 4.84 -7.26 35.20
C ALA B 330 3.68 -6.48 34.62
N LEU B 331 2.63 -6.32 35.42
CA LEU B 331 1.46 -5.54 35.04
C LEU B 331 1.54 -4.18 35.71
N TRP B 332 1.37 -3.11 34.93
CA TRP B 332 1.59 -1.74 35.38
C TRP B 332 0.37 -0.88 35.16
N ASP B 333 0.15 0.04 36.11
CA ASP B 333 -0.83 1.11 36.02
C ASP B 333 -0.07 2.44 36.03
N LEU B 334 -0.12 3.16 34.91
CA LEU B 334 0.55 4.44 34.74
C LEU B 334 0.23 5.47 35.82
N ARG B 335 -0.88 5.31 36.53
CA ARG B 335 -1.27 6.33 37.50
C ARG B 335 -0.55 6.15 38.82
N ASN B 336 0.01 4.97 39.06
CA ASN B 336 0.82 4.72 40.25
C ASN B 336 1.85 3.65 39.89
N LEU B 337 2.93 4.08 39.26
CA LEU B 337 3.97 3.13 38.88
C LEU B 337 4.79 2.63 40.06
N LYS B 338 4.67 3.25 41.24
CA LYS B 338 5.41 2.77 42.40
C LYS B 338 5.00 1.36 42.82
N LEU B 339 3.84 0.89 42.37
CA LEU B 339 3.27 -0.37 42.82
C LEU B 339 2.95 -1.24 41.63
N LYS B 340 3.76 -2.27 41.39
CA LYS B 340 3.45 -3.24 40.34
C LYS B 340 2.10 -3.90 40.61
N LEU B 341 1.25 -3.97 39.59
CA LEU B 341 -0.10 -4.51 39.80
C LEU B 341 -0.07 -6.01 40.01
N HIS B 342 0.76 -6.71 39.26
CA HIS B 342 0.76 -8.17 39.26
C HIS B 342 2.06 -8.65 38.63
N SER B 343 2.50 -9.84 39.02
CA SER B 343 3.64 -10.52 38.43
C SER B 343 3.17 -11.86 37.87
N PHE B 344 3.29 -12.04 36.55
CA PHE B 344 2.96 -13.32 35.90
C PHE B 344 4.24 -14.17 35.85
N GLU B 345 4.18 -15.44 36.31
CA GLU B 345 5.45 -16.06 36.71
C GLU B 345 5.92 -17.35 36.03
N SER B 346 5.12 -18.03 35.20
CA SER B 346 5.49 -19.40 34.86
C SER B 346 6.63 -19.58 33.84
N HIS B 347 7.16 -18.53 33.19
CA HIS B 347 8.29 -18.74 32.28
C HIS B 347 9.52 -19.22 33.03
N LYS B 348 10.35 -20.03 32.36
CA LYS B 348 11.55 -20.59 32.96
C LYS B 348 12.83 -19.89 32.52
N ASP B 349 12.74 -18.87 31.68
CA ASP B 349 13.93 -18.18 31.19
C ASP B 349 13.53 -16.81 30.67
N GLU B 350 14.49 -16.12 30.08
CA GLU B 350 14.34 -14.70 29.76
C GLU B 350 13.19 -14.46 28.78
N ILE B 351 12.36 -13.46 29.09
CA ILE B 351 11.22 -13.10 28.24
C ILE B 351 11.66 -11.99 27.31
N PHE B 352 11.34 -12.13 26.02
CA PHE B 352 11.74 -11.16 25.02
C PHE B 352 10.59 -10.47 24.31
N GLN B 353 9.38 -10.99 24.36
CA GLN B 353 8.27 -10.29 23.73
C GLN B 353 7.03 -10.45 24.59
N VAL B 354 6.23 -9.38 24.67
CA VAL B 354 4.91 -9.40 25.28
C VAL B 354 3.97 -8.61 24.38
N GLN B 355 2.76 -9.13 24.18
CA GLN B 355 1.77 -8.49 23.31
C GLN B 355 0.38 -8.70 23.88
N TRP B 356 -0.39 -7.63 24.01
CA TRP B 356 -1.80 -7.80 24.32
C TRP B 356 -2.57 -8.33 23.12
N SER B 357 -3.60 -9.12 23.40
CA SER B 357 -4.53 -9.50 22.37
C SER B 357 -5.20 -8.27 21.76
N PRO B 358 -5.33 -8.19 20.43
CA PRO B 358 -6.09 -7.07 19.84
C PRO B 358 -7.60 -7.19 20.04
N HIS B 359 -8.13 -8.32 20.51
CA HIS B 359 -9.56 -8.49 20.62
C HIS B 359 -10.09 -8.61 22.04
N ASN B 360 -9.24 -8.86 23.04
CA ASN B 360 -9.73 -9.13 24.40
C ASN B 360 -8.87 -8.40 25.42
N GLU B 361 -9.50 -7.48 26.15
CA GLU B 361 -8.76 -6.58 27.03
C GLU B 361 -8.02 -7.29 28.15
N THR B 362 -8.41 -8.52 28.50
CA THR B 362 -7.83 -9.23 29.63
C THR B 362 -6.77 -10.24 29.21
N ILE B 363 -6.49 -10.36 27.92
CA ILE B 363 -5.65 -11.41 27.37
C ILE B 363 -4.35 -10.79 26.89
N LEU B 364 -3.22 -11.36 27.29
CA LEU B 364 -1.93 -10.98 26.73
C LEU B 364 -1.05 -12.23 26.63
N ALA B 365 0.02 -12.12 25.88
CA ALA B 365 0.88 -13.25 25.57
C ALA B 365 2.32 -12.84 25.81
N SER B 366 3.16 -13.84 26.07
CA SER B 366 4.58 -13.63 26.31
C SER B 366 5.37 -14.82 25.78
N SER B 367 6.62 -14.57 25.43
CA SER B 367 7.45 -15.55 24.76
C SER B 367 8.92 -15.22 25.04
N GLY B 368 9.76 -16.23 24.89
CA GLY B 368 11.19 -16.01 25.09
C GLY B 368 12.08 -17.23 24.98
N THR B 369 13.19 -17.19 25.70
CA THR B 369 14.27 -18.15 25.56
C THR B 369 13.92 -19.55 26.08
N ASP B 370 12.89 -19.67 26.91
CA ASP B 370 12.49 -21.00 27.38
C ASP B 370 11.67 -21.78 26.36
N ARG B 371 11.53 -21.26 25.13
CA ARG B 371 10.91 -21.93 23.99
C ARG B 371 9.39 -22.03 24.13
N ARG B 372 8.80 -21.30 25.07
CA ARG B 372 7.38 -21.33 25.37
C ARG B 372 6.76 -19.98 25.03
N LEU B 373 5.50 -20.03 24.61
CA LEU B 373 4.70 -18.82 24.48
C LEU B 373 3.50 -19.03 25.39
N ASN B 374 3.38 -18.18 26.40
CA ASN B 374 2.29 -18.26 27.38
C ASN B 374 1.23 -17.21 27.08
N VAL B 375 -0.03 -17.61 27.19
CA VAL B 375 -1.15 -16.70 27.09
C VAL B 375 -1.73 -16.53 28.49
N TRP B 376 -1.97 -15.28 28.89
CA TRP B 376 -2.40 -14.96 30.25
C TRP B 376 -3.77 -14.29 30.23
N ASP B 377 -4.56 -14.53 31.28
CA ASP B 377 -5.91 -13.99 31.40
C ASP B 377 -6.04 -13.26 32.74
N LEU B 378 -5.99 -11.92 32.68
CA LEU B 378 -6.08 -11.11 33.90
C LEU B 378 -7.35 -11.39 34.67
N SER B 379 -8.43 -11.79 33.98
CA SER B 379 -9.71 -12.02 34.63
C SER B 379 -9.70 -13.22 35.57
N LYS B 380 -8.61 -13.99 35.60
CA LYS B 380 -8.48 -15.16 36.45
C LYS B 380 -7.48 -14.96 37.57
N ILE B 381 -6.93 -13.75 37.72
CA ILE B 381 -6.00 -13.46 38.81
C ILE B 381 -6.72 -13.59 40.14
N GLY B 382 -6.03 -14.17 41.13
CA GLY B 382 -6.62 -14.30 42.44
C GLY B 382 -7.75 -15.30 42.55
N GLU B 383 -7.99 -16.08 41.49
CA GLU B 383 -8.98 -17.13 41.53
C GLU B 383 -8.53 -18.26 42.46
N GLU B 384 -9.49 -19.09 42.85
CA GLU B 384 -9.23 -20.24 43.70
C GLU B 384 -8.82 -21.43 42.87
N GLN B 385 -7.90 -22.23 43.41
CA GLN B 385 -7.38 -23.42 42.76
C GLN B 385 -7.21 -24.52 43.80
N SER B 386 -7.66 -25.72 43.46
CA SER B 386 -7.29 -26.88 44.25
C SER B 386 -5.78 -27.06 44.19
N PRO B 387 -5.13 -27.43 45.30
CA PRO B 387 -3.66 -27.59 45.28
C PRO B 387 -3.15 -28.46 44.14
N GLU B 388 -3.92 -29.47 43.72
CA GLU B 388 -3.54 -30.26 42.55
C GLU B 388 -3.58 -29.41 41.28
N ASP B 389 -4.67 -28.64 41.11
CA ASP B 389 -4.80 -27.77 39.94
C ASP B 389 -3.71 -26.71 39.91
N ALA B 390 -3.16 -26.33 41.07
CA ALA B 390 -2.19 -25.25 41.12
C ALA B 390 -0.87 -25.65 40.50
N GLU B 391 -0.44 -26.90 40.70
CA GLU B 391 0.92 -27.31 40.32
C GLU B 391 1.21 -27.02 38.85
N ASP B 392 0.18 -27.01 38.00
CA ASP B 392 0.39 -26.71 36.58
C ASP B 392 0.72 -25.25 36.33
N GLY B 393 0.42 -24.37 37.28
CA GLY B 393 0.65 -22.95 37.11
C GLY B 393 -0.45 -22.13 37.74
N PRO B 394 -0.28 -20.82 37.76
CA PRO B 394 -1.29 -19.94 38.38
C PRO B 394 -2.59 -19.95 37.59
N PRO B 395 -3.71 -19.54 38.21
CA PRO B 395 -5.00 -19.59 37.49
C PRO B 395 -5.04 -18.69 36.27
N GLU B 396 -4.28 -17.60 36.27
CA GLU B 396 -4.28 -16.68 35.14
C GLU B 396 -3.42 -17.15 33.98
N LEU B 397 -2.75 -18.30 34.12
CA LEU B 397 -2.03 -18.90 32.99
C LEU B 397 -3.04 -19.68 32.18
N LEU B 398 -3.46 -19.11 31.05
CA LEU B 398 -4.52 -19.69 30.25
C LEU B 398 -4.02 -20.85 29.38
N PHE B 399 -2.81 -20.73 28.85
CA PHE B 399 -2.35 -21.64 27.79
C PHE B 399 -0.84 -21.55 27.69
N ILE B 400 -0.20 -22.69 27.44
CA ILE B 400 1.22 -22.77 27.14
C ILE B 400 1.37 -23.41 25.77
N HIS B 401 1.94 -22.66 24.84
CA HIS B 401 2.23 -23.15 23.50
C HIS B 401 3.63 -23.75 23.53
N GLY B 402 3.73 -25.05 23.27
CA GLY B 402 5.01 -25.75 23.31
C GLY B 402 5.42 -26.27 21.96
N GLY B 403 4.90 -25.64 20.90
CA GLY B 403 5.18 -26.04 19.53
C GLY B 403 6.62 -25.84 19.10
N HIS B 404 7.34 -24.93 19.73
CA HIS B 404 8.69 -24.59 19.27
C HIS B 404 9.73 -25.37 20.07
N THR B 405 10.80 -25.77 19.37
CA THR B 405 11.93 -26.45 19.98
C THR B 405 13.19 -25.59 19.96
N ALA B 406 13.03 -24.28 19.80
CA ALA B 406 14.14 -23.34 19.86
C ALA B 406 13.59 -22.05 20.44
N LYS B 407 14.50 -21.16 20.87
CA LYS B 407 14.09 -19.89 21.46
C LYS B 407 13.20 -19.12 20.49
N ILE B 408 12.12 -18.57 21.02
CA ILE B 408 11.14 -17.84 20.22
C ILE B 408 11.58 -16.39 20.12
N SER B 409 11.66 -15.87 18.90
CA SER B 409 12.21 -14.52 18.74
C SER B 409 11.15 -13.43 18.69
N ASP B 410 9.98 -13.73 18.15
CA ASP B 410 8.92 -12.74 18.04
C ASP B 410 7.62 -13.49 17.84
N PHE B 411 6.50 -12.81 18.10
CA PHE B 411 5.20 -13.34 17.70
C PHE B 411 4.25 -12.19 17.46
N SER B 412 3.19 -12.45 16.72
CA SER B 412 2.19 -11.44 16.42
C SER B 412 0.79 -12.05 16.52
N TRP B 413 -0.12 -11.33 17.17
CA TRP B 413 -1.52 -11.74 17.16
C TRP B 413 -2.16 -11.35 15.84
N ASN B 414 -2.93 -12.27 15.26
CA ASN B 414 -3.63 -11.95 14.00
C ASN B 414 -4.73 -10.93 14.26
N PRO B 415 -4.76 -9.79 13.57
CA PRO B 415 -5.76 -8.75 13.86
C PRO B 415 -7.14 -9.05 13.32
N ASN B 416 -7.26 -9.92 12.32
CA ASN B 416 -8.55 -10.22 11.69
C ASN B 416 -9.12 -11.56 12.10
N GLU B 417 -8.32 -12.47 12.64
CA GLU B 417 -8.82 -13.74 13.16
C GLU B 417 -8.52 -13.84 14.64
N PRO B 418 -9.51 -13.70 15.51
CA PRO B 418 -9.26 -13.77 16.95
C PRO B 418 -8.57 -15.08 17.33
N TRP B 419 -7.59 -14.97 18.22
CA TRP B 419 -6.87 -16.06 18.86
C TRP B 419 -5.85 -16.74 17.95
N VAL B 420 -5.73 -16.33 16.69
CA VAL B 420 -4.68 -16.85 15.84
C VAL B 420 -3.39 -16.08 16.11
N ILE B 421 -2.28 -16.81 16.24
CA ILE B 421 -0.95 -16.25 16.52
C ILE B 421 0.05 -16.79 15.50
N CYS B 422 0.95 -15.94 15.04
CA CYS B 422 2.17 -16.37 14.37
C CYS B 422 3.34 -16.20 15.34
N SER B 423 4.17 -17.24 15.49
CA SER B 423 5.37 -17.18 16.32
C SER B 423 6.55 -17.77 15.53
N VAL B 424 7.74 -17.18 15.71
CA VAL B 424 8.93 -17.57 14.96
C VAL B 424 10.06 -17.83 15.94
N SER B 425 10.87 -18.84 15.64
CA SER B 425 11.91 -19.27 16.57
C SER B 425 13.24 -19.33 15.83
N GLU B 426 14.29 -19.60 16.61
CA GLU B 426 15.69 -19.43 16.19
C GLU B 426 16.19 -20.56 15.29
N ASP B 427 15.59 -21.74 15.36
CA ASP B 427 15.64 -22.61 14.21
C ASP B 427 14.87 -21.88 13.12
N ASN B 428 14.58 -22.49 12.00
CA ASN B 428 13.91 -21.66 11.02
C ASN B 428 12.38 -21.70 11.14
N ILE B 429 11.84 -22.16 12.28
CA ILE B 429 10.42 -22.53 12.34
C ILE B 429 9.56 -21.31 12.53
N MET B 430 8.53 -21.20 11.70
CA MET B 430 7.38 -20.34 11.86
C MET B 430 6.16 -21.20 12.13
N GLN B 431 5.35 -20.80 13.10
CA GLN B 431 4.12 -21.52 13.40
C GLN B 431 2.97 -20.54 13.42
N VAL B 432 1.87 -20.92 12.79
CA VAL B 432 0.62 -20.18 12.80
C VAL B 432 -0.40 -21.06 13.48
N TRP B 433 -1.00 -20.56 14.57
CA TRP B 433 -1.74 -21.45 15.42
C TRP B 433 -2.84 -20.70 16.15
N GLN B 434 -3.76 -21.49 16.67
CA GLN B 434 -4.93 -20.99 17.39
C GLN B 434 -5.31 -22.06 18.40
N MET B 435 -5.32 -21.70 19.68
CA MET B 435 -5.66 -22.68 20.69
C MET B 435 -7.14 -23.07 20.57
N ALA B 436 -7.47 -24.19 21.23
CA ALA B 436 -8.83 -24.72 21.19
C ALA B 436 -9.81 -23.72 21.81
N GLU B 437 -10.94 -23.51 21.13
CA GLU B 437 -11.93 -22.54 21.59
C GLU B 437 -12.42 -22.86 22.99
N ASN B 438 -12.58 -24.14 23.31
CA ASN B 438 -13.09 -24.51 24.63
C ASN B 438 -12.13 -24.10 25.74
N ILE B 439 -10.87 -23.77 25.40
CA ILE B 439 -9.93 -23.32 26.42
C ILE B 439 -10.25 -21.91 26.88
N TYR B 440 -10.57 -21.01 25.95
CA TYR B 440 -11.01 -19.68 26.33
C TYR B 440 -12.53 -19.55 26.39
N ASN B 441 -13.23 -20.65 26.70
CA ASN B 441 -14.67 -20.62 27.00
C ASN B 441 -14.99 -21.29 28.33
N LYS C 1 20.96 -7.57 27.03
CA LYS C 1 21.16 -7.47 25.59
C LYS C 1 20.98 -8.85 24.93
N ARG C 2 20.35 -8.88 23.75
CA ARG C 2 20.26 -10.10 22.97
C ARG C 2 21.65 -10.55 22.50
N ARG C 3 21.79 -11.85 22.25
CA ARG C 3 22.98 -12.44 21.65
C ARG C 3 22.56 -13.30 20.47
N LYS C 4 23.07 -13.00 19.28
CA LYS C 4 22.67 -13.66 18.05
C LYS C 4 23.53 -14.89 17.76
N LEU C 5 22.92 -15.85 17.07
CA LEU C 5 23.60 -17.09 16.68
C LEU C 5 24.85 -16.84 15.85
N LYS D 1 4.23 -2.29 -18.96
CA LYS D 1 4.12 -1.82 -17.58
C LYS D 1 4.59 -0.35 -17.41
N ARG D 2 3.70 0.49 -16.85
CA ARG D 2 4.05 1.84 -16.43
C ARG D 2 5.19 1.83 -15.42
N ARG D 3 6.01 2.87 -15.46
CA ARG D 3 6.92 3.18 -14.37
C ARG D 3 6.69 4.61 -13.91
N LYS D 4 6.59 4.80 -12.60
CA LYS D 4 6.41 6.12 -12.02
C LYS D 4 7.76 6.76 -11.76
N LEU D 5 7.84 8.08 -11.95
CA LEU D 5 9.10 8.86 -11.97
C LEU D 5 9.89 8.54 -13.24
S SO4 E . 19.81 -14.81 24.22
O1 SO4 E . 20.15 -13.64 23.42
O2 SO4 E . 19.78 -14.42 25.63
O3 SO4 E . 18.49 -15.31 23.83
O4 SO4 E . 20.79 -15.87 24.01
S SO4 F . 7.05 4.61 -18.56
O1 SO4 F . 7.09 5.96 -19.14
O2 SO4 F . 8.18 4.45 -17.64
O3 SO4 F . 7.15 3.60 -19.64
O4 SO4 F . 5.79 4.41 -17.85
#